data_1FTD
# 
_entry.id   1FTD 
# 
_audit_conform.dict_name       mmcif_pdbx.dic 
_audit_conform.dict_version    5.385 
_audit_conform.dict_location   http://mmcif.pdb.org/dictionaries/ascii/mmcif_pdbx.dic 
# 
loop_
_database_2.database_id 
_database_2.database_code 
_database_2.pdbx_database_accession 
_database_2.pdbx_DOI 
PDB   1FTD         pdb_00001ftd 10.2210/pdb1ftd/pdb 
NDB   DD0036       ?            ?                   
RCSB  RCSB011883   ?            ?                   
WWPDB D_1000011883 ?            ?                   
# 
loop_
_pdbx_audit_revision_history.ordinal 
_pdbx_audit_revision_history.data_content_type 
_pdbx_audit_revision_history.major_revision 
_pdbx_audit_revision_history.minor_revision 
_pdbx_audit_revision_history.revision_date 
1 'Structure model' 1 0 2001-02-26 
2 'Structure model' 1 1 2008-04-27 
3 'Structure model' 1 2 2011-07-13 
4 'Structure model' 1 3 2017-10-04 
5 'Structure model' 1 4 2024-02-07 
# 
_pdbx_audit_revision_details.ordinal             1 
_pdbx_audit_revision_details.revision_ordinal    1 
_pdbx_audit_revision_details.data_content_type   'Structure model' 
_pdbx_audit_revision_details.provider            repository 
_pdbx_audit_revision_details.type                'Initial release' 
_pdbx_audit_revision_details.description         ? 
_pdbx_audit_revision_details.details             ? 
# 
loop_
_pdbx_audit_revision_group.ordinal 
_pdbx_audit_revision_group.revision_ordinal 
_pdbx_audit_revision_group.data_content_type 
_pdbx_audit_revision_group.group 
1 2 'Structure model' 'Version format compliance' 
2 3 'Structure model' 'Version format compliance' 
3 4 'Structure model' 'Refinement description'    
4 5 'Structure model' 'Data collection'           
5 5 'Structure model' 'Database references'       
6 5 'Structure model' 'Derived calculations'      
# 
loop_
_pdbx_audit_revision_category.ordinal 
_pdbx_audit_revision_category.revision_ordinal 
_pdbx_audit_revision_category.data_content_type 
_pdbx_audit_revision_category.category 
1 4 'Structure model' software               
2 5 'Structure model' chem_comp_atom         
3 5 'Structure model' chem_comp_bond         
4 5 'Structure model' database_2             
5 5 'Structure model' pdbx_struct_conn_angle 
6 5 'Structure model' struct_conn            
7 5 'Structure model' struct_site            
# 
loop_
_pdbx_audit_revision_item.ordinal 
_pdbx_audit_revision_item.revision_ordinal 
_pdbx_audit_revision_item.data_content_type 
_pdbx_audit_revision_item.item 
1  5 'Structure model' '_database_2.pdbx_DOI'                      
2  5 'Structure model' '_database_2.pdbx_database_accession'       
3  5 'Structure model' '_pdbx_struct_conn_angle.ptnr1_auth_seq_id' 
4  5 'Structure model' '_pdbx_struct_conn_angle.ptnr3_auth_seq_id' 
5  5 'Structure model' '_pdbx_struct_conn_angle.value'             
6  5 'Structure model' '_struct_conn.pdbx_dist_value'              
7  5 'Structure model' '_struct_conn.ptnr2_auth_seq_id'            
8  5 'Structure model' '_struct_site.pdbx_auth_asym_id'            
9  5 'Structure model' '_struct_site.pdbx_auth_comp_id'            
10 5 'Structure model' '_struct_site.pdbx_auth_seq_id'             
# 
_pdbx_database_status.status_code                     REL 
_pdbx_database_status.entry_id                        1FTD 
_pdbx_database_status.recvd_initial_deposition_date   2000-09-12 
_pdbx_database_status.deposit_site                    NDB 
_pdbx_database_status.process_site                    NDB 
_pdbx_database_status.status_code_sf                  REL 
_pdbx_database_status.SG_entry                        . 
_pdbx_database_status.pdb_format_compatible           Y 
_pdbx_database_status.status_code_mr                  ? 
_pdbx_database_status.status_code_cs                  ? 
_pdbx_database_status.methods_development_category    ? 
_pdbx_database_status.status_code_nmr_data            ? 
# 
loop_
_audit_author.name 
_audit_author.pdbx_ordinal 
'Mann, J.'         1 
'Baron, A.'        2 
'Opoku-Boahen, Y.' 3 
'Johansson, E.'    4 
'Parkinson, G.'    5 
'Kelland, L.R.'    6 
'Neidle, S.'       7 
# 
_citation.id                        primary 
_citation.title                     
'A new class of symmetric bisbenzimidazole-based DNA minor groove-binding agents showing antitumor activity.' 
_citation.journal_abbrev            J.Med.Chem. 
_citation.journal_volume            44 
_citation.page_first                138 
_citation.page_last                 144 
_citation.year                      2001 
_citation.journal_id_ASTM           JMCMAR 
_citation.country                   US 
_citation.journal_id_ISSN           0022-2623 
_citation.journal_id_CSD            0151 
_citation.book_publisher            ? 
_citation.pdbx_database_id_PubMed   11170623 
_citation.pdbx_database_id_DOI      10.1021/jm000297b 
# 
loop_
_citation_author.citation_id 
_citation_author.name 
_citation_author.ordinal 
_citation_author.identifier_ORCID 
primary 'Mann, J.'         1 ? 
primary 'Baron, A.'        2 ? 
primary 'Opoku-Boahen, Y.' 3 ? 
primary 'Johansson, E.'    4 ? 
primary 'Parkinson, G.'    5 ? 
primary 'Kelland, L.R.'    6 ? 
primary 'Neidle, S.'       7 ? 
# 
loop_
_entity.id 
_entity.type 
_entity.src_method 
_entity.pdbx_description 
_entity.formula_weight 
_entity.pdbx_number_of_molecules 
_entity.pdbx_ec 
_entity.pdbx_mutation 
_entity.pdbx_fragment 
_entity.details 
1 polymer     syn 
;DNA (5'-D(*CP*GP*CP*GP*AP*AP*TP*TP*CP*GP*CP*G)-3')
;
3663.392 2  ? ? ? ? 
2 non-polymer syn 'MAGNESIUM ION' 24.305   1  ? ? ? ? 
3 non-polymer syn 
"[3-(4-{2'-[4-(3-DIMETHYLAMINO-PROPOXY)-PHENYL]-3H,3'H-[5,5']BIBENZOIMIDAZOLYL-2-YL}-PHENOXY)-PROPYL]-DIMETHYL-AMINE" 588.742  1  
? ? ? ? 
4 water       nat water 18.015   85 ? ? ? ? 
# 
_entity_poly.entity_id                      1 
_entity_poly.type                           polydeoxyribonucleotide 
_entity_poly.nstd_linkage                   no 
_entity_poly.nstd_monomer                   no 
_entity_poly.pdbx_seq_one_letter_code       '(DC)(DG)(DC)(DG)(DA)(DA)(DT)(DT)(DC)(DG)(DC)(DG)' 
_entity_poly.pdbx_seq_one_letter_code_can   CGCGAATTCGCG 
_entity_poly.pdbx_strand_id                 A,B 
_entity_poly.pdbx_target_identifier         ? 
# 
loop_
_pdbx_entity_nonpoly.entity_id 
_pdbx_entity_nonpoly.name 
_pdbx_entity_nonpoly.comp_id 
2 'MAGNESIUM ION'                                                                                                       MG  
3 "[3-(4-{2'-[4-(3-DIMETHYLAMINO-PROPOXY)-PHENYL]-3H,3'H-[5,5']BIBENZOIMIDAZOLYL-2-YL}-PHENOXY)-PROPYL]-DIMETHYL-AMINE" E97 
4 water                                                                                                                 HOH 
# 
loop_
_entity_poly_seq.entity_id 
_entity_poly_seq.num 
_entity_poly_seq.mon_id 
_entity_poly_seq.hetero 
1 1  DC n 
1 2  DG n 
1 3  DC n 
1 4  DG n 
1 5  DA n 
1 6  DA n 
1 7  DT n 
1 8  DT n 
1 9  DC n 
1 10 DG n 
1 11 DC n 
1 12 DG n 
# 
loop_
_chem_comp.id 
_chem_comp.type 
_chem_comp.mon_nstd_flag 
_chem_comp.name 
_chem_comp.pdbx_synonyms 
_chem_comp.formula 
_chem_comp.formula_weight 
DA  'DNA linking' y "2'-DEOXYADENOSINE-5'-MONOPHOSPHATE" ? 'C10 H14 N5 O6 P' 331.222 
DC  'DNA linking' y "2'-DEOXYCYTIDINE-5'-MONOPHOSPHATE" ? 'C9 H14 N3 O7 P'  307.197 
DG  'DNA linking' y "2'-DEOXYGUANOSINE-5'-MONOPHOSPHATE" ? 'C10 H14 N5 O7 P' 347.221 
DT  'DNA linking' y "THYMIDINE-5'-MONOPHOSPHATE" ? 'C10 H15 N2 O8 P' 322.208 
E97 non-polymer   . 
"[3-(4-{2'-[4-(3-DIMETHYLAMINO-PROPOXY)-PHENYL]-3H,3'H-[5,5']BIBENZOIMIDAZOLYL-2-YL}-PHENOXY)-PROPYL]-DIMETHYL-AMINE" ? 
'C36 H40 N6 O2'   588.742 
HOH non-polymer   . WATER ? 'H2 O'            18.015  
MG  non-polymer   . 'MAGNESIUM ION' ? 'Mg 2'            24.305  
# 
loop_
_pdbx_poly_seq_scheme.asym_id 
_pdbx_poly_seq_scheme.entity_id 
_pdbx_poly_seq_scheme.seq_id 
_pdbx_poly_seq_scheme.mon_id 
_pdbx_poly_seq_scheme.ndb_seq_num 
_pdbx_poly_seq_scheme.pdb_seq_num 
_pdbx_poly_seq_scheme.auth_seq_num 
_pdbx_poly_seq_scheme.pdb_mon_id 
_pdbx_poly_seq_scheme.auth_mon_id 
_pdbx_poly_seq_scheme.pdb_strand_id 
_pdbx_poly_seq_scheme.pdb_ins_code 
_pdbx_poly_seq_scheme.hetero 
A 1 1  DC 1  1  1  DC C A . n 
A 1 2  DG 2  2  2  DG G A . n 
A 1 3  DC 3  3  3  DC C A . n 
A 1 4  DG 4  4  4  DG G A . n 
A 1 5  DA 5  5  5  DA A A . n 
A 1 6  DA 6  6  6  DA A A . n 
A 1 7  DT 7  7  7  DT T A . n 
A 1 8  DT 8  8  8  DT T A . n 
A 1 9  DC 9  9  9  DC C A . n 
A 1 10 DG 10 10 10 DG G A . n 
A 1 11 DC 11 11 11 DC C A . n 
A 1 12 DG 12 12 12 DG G A . n 
B 1 1  DC 1  13 13 DC C B . n 
B 1 2  DG 2  14 14 DG G B . n 
B 1 3  DC 3  15 15 DC C B . n 
B 1 4  DG 4  16 16 DG G B . n 
B 1 5  DA 5  17 17 DA A B . n 
B 1 6  DA 6  18 18 DA A B . n 
B 1 7  DT 7  19 19 DT T B . n 
B 1 8  DT 8  20 20 DT T B . n 
B 1 9  DC 9  21 21 DC C B . n 
B 1 10 DG 10 22 22 DG G B . n 
B 1 11 DC 11 23 23 DC C B . n 
B 1 12 DG 12 24 24 DG G B . n 
# 
loop_
_pdbx_nonpoly_scheme.asym_id 
_pdbx_nonpoly_scheme.entity_id 
_pdbx_nonpoly_scheme.mon_id 
_pdbx_nonpoly_scheme.ndb_seq_num 
_pdbx_nonpoly_scheme.pdb_seq_num 
_pdbx_nonpoly_scheme.auth_seq_num 
_pdbx_nonpoly_scheme.pdb_mon_id 
_pdbx_nonpoly_scheme.auth_mon_id 
_pdbx_nonpoly_scheme.pdb_strand_id 
_pdbx_nonpoly_scheme.pdb_ins_code 
C 2 MG  1  26  26  MG  MO6 A . 
D 3 E97 1  25  25  E97 E97 A . 
E 4 HOH 1  27  27  HOH HOH A . 
E 4 HOH 2  28  28  HOH HOH A . 
E 4 HOH 3  29  29  HOH HOH A . 
E 4 HOH 4  30  30  HOH HOH A . 
E 4 HOH 5  32  32  HOH HOH A . 
E 4 HOH 6  33  33  HOH HOH A . 
E 4 HOH 7  35  35  HOH HOH A . 
E 4 HOH 8  37  37  HOH HOH A . 
E 4 HOH 9  38  38  HOH HOH A . 
E 4 HOH 10 40  40  HOH HOH A . 
E 4 HOH 11 41  41  HOH HOH A . 
E 4 HOH 12 42  42  HOH HOH A . 
E 4 HOH 13 44  44  HOH HOH A . 
E 4 HOH 14 46  46  HOH HOH A . 
E 4 HOH 15 47  47  HOH HOH A . 
E 4 HOH 16 49  49  HOH HOH A . 
E 4 HOH 17 51  51  HOH HOH A . 
E 4 HOH 18 52  52  HOH HOH A . 
E 4 HOH 19 53  53  HOH HOH A . 
E 4 HOH 20 54  54  HOH HOH A . 
E 4 HOH 21 55  55  HOH HOH A . 
E 4 HOH 22 58  58  HOH HOH A . 
E 4 HOH 23 59  59  HOH HOH A . 
E 4 HOH 24 60  60  HOH HOH A . 
E 4 HOH 25 61  61  HOH HOH A . 
E 4 HOH 26 62  62  HOH HOH A . 
E 4 HOH 27 65  65  HOH HOH A . 
E 4 HOH 28 66  66  HOH HOH A . 
E 4 HOH 29 67  67  HOH HOH A . 
E 4 HOH 30 68  68  HOH HOH A . 
E 4 HOH 31 70  70  HOH HOH A . 
E 4 HOH 32 73  73  HOH HOH A . 
E 4 HOH 33 75  75  HOH HOH A . 
E 4 HOH 34 77  77  HOH HOH A . 
E 4 HOH 35 79  79  HOH HOH A . 
E 4 HOH 36 80  80  HOH HOH A . 
E 4 HOH 37 81  81  HOH HOH A . 
E 4 HOH 38 84  84  HOH HOH A . 
E 4 HOH 39 88  88  HOH HOH A . 
E 4 HOH 40 91  91  HOH HOH A . 
E 4 HOH 41 94  94  HOH HOH A . 
E 4 HOH 42 98  98  HOH HOH A . 
E 4 HOH 43 99  99  HOH HOH A . 
E 4 HOH 44 100 100 HOH HOH A . 
E 4 HOH 45 101 101 HOH HOH A . 
E 4 HOH 46 103 103 HOH HOH A . 
E 4 HOH 47 105 105 HOH HOH A . 
E 4 HOH 48 106 106 HOH HOH A . 
E 4 HOH 49 107 107 HOH HOH A . 
E 4 HOH 50 108 108 HOH HOH A . 
E 4 HOH 51 135 135 HOH HOH A . 
E 4 HOH 52 138 138 HOH HOH A . 
E 4 HOH 53 139 26  HOH MO6 A . 
E 4 HOH 54 140 26  HOH MO6 A . 
E 4 HOH 55 141 26  HOH MO6 A . 
E 4 HOH 56 142 26  HOH MO6 A . 
E 4 HOH 57 143 26  HOH MO6 A . 
E 4 HOH 58 144 26  HOH MO6 A . 
F 4 HOH 1  31  31  HOH HOH B . 
F 4 HOH 2  34  34  HOH HOH B . 
F 4 HOH 3  36  36  HOH HOH B . 
F 4 HOH 4  39  39  HOH HOH B . 
F 4 HOH 5  43  43  HOH HOH B . 
F 4 HOH 6  45  45  HOH HOH B . 
F 4 HOH 7  48  48  HOH HOH B . 
F 4 HOH 8  50  50  HOH HOH B . 
F 4 HOH 9  56  56  HOH HOH B . 
F 4 HOH 10 57  57  HOH HOH B . 
F 4 HOH 11 63  63  HOH HOH B . 
F 4 HOH 12 69  69  HOH HOH B . 
F 4 HOH 13 72  72  HOH HOH B . 
F 4 HOH 14 74  74  HOH HOH B . 
F 4 HOH 15 76  76  HOH HOH B . 
F 4 HOH 16 78  78  HOH HOH B . 
F 4 HOH 17 82  82  HOH HOH B . 
F 4 HOH 18 83  83  HOH HOH B . 
F 4 HOH 19 85  85  HOH HOH B . 
F 4 HOH 20 86  86  HOH HOH B . 
F 4 HOH 21 87  87  HOH HOH B . 
F 4 HOH 22 89  89  HOH HOH B . 
F 4 HOH 23 90  90  HOH HOH B . 
F 4 HOH 24 92  92  HOH HOH B . 
F 4 HOH 25 93  93  HOH HOH B . 
F 4 HOH 26 95  95  HOH HOH B . 
F 4 HOH 27 104 104 HOH HOH B . 
# 
loop_
_software.name 
_software.classification 
_software.version 
_software.citation_id 
_software.pdbx_ordinal 
X-PLOR    'model building' . ? 1 
SHELXL-97 refinement       . ? 2 
SCALEPACK 'data scaling'   . ? 3 
X-PLOR    phasing          . ? 4 
# 
_cell.entry_id           1FTD 
_cell.length_a           25.15 
_cell.length_b           39.94 
_cell.length_c           65.65 
_cell.angle_alpha        90.00 
_cell.angle_beta         90.00 
_cell.angle_gamma        90.00 
_cell.Z_PDB              8 
_cell.pdbx_unique_axis   ? 
# 
_symmetry.entry_id                         1FTD 
_symmetry.space_group_name_H-M             'P 21 21 21' 
_symmetry.pdbx_full_space_group_name_H-M   ? 
_symmetry.cell_setting                     ? 
_symmetry.Int_Tables_number                19 
# 
_exptl.entry_id          1FTD 
_exptl.method            'X-RAY DIFFRACTION' 
_exptl.crystals_number   1 
# 
_exptl_crystal.id                    1 
_exptl_crystal.density_meas          ? 
_exptl_crystal.density_percent_sol   42.95 
_exptl_crystal.density_Matthews      2.16 
_exptl_crystal.description           ? 
# 
_exptl_crystal_grow.crystal_id      1 
_exptl_crystal_grow.method          'VAPOR DIFFUSION, HANGING DROP' 
_exptl_crystal_grow.pH              6.8 
_exptl_crystal_grow.temp            284 
_exptl_crystal_grow.temp_details    ? 
_exptl_crystal_grow.pdbx_details    
'SODIUM CACODYLATE, MPD, SPERMINE TETRAHYDROCHLORIDE, NACL, MGCL2, pH 6.8, VAPOR DIFFUSION, HANGING DROP, temperature 284K' 
_exptl_crystal_grow.pdbx_pH_range   ? 
# 
loop_
_exptl_crystal_grow_comp.crystal_id 
_exptl_crystal_grow_comp.id 
_exptl_crystal_grow_comp.sol_id 
_exptl_crystal_grow_comp.name 
_exptl_crystal_grow_comp.conc 
_exptl_crystal_grow_comp.volume 
_exptl_crystal_grow_comp.details 
1 1 1 'SODIUM CACODYLATE'           ? ? ? 
1 2 1 'SPERMINE TETRAHYDROCHLORIDE' ? ? ? 
1 3 1 NACL                          ? ? ? 
1 4 1 MGCL2                         ? ? ? 
1 5 1 MPD                           ? ? ? 
1 6 2 MPD                           ? ? ? 
# 
_diffrn.id                     1 
_diffrn.ambient_temp           100 
_diffrn.ambient_temp_details   ? 
_diffrn.crystal_id             1 
# 
_diffrn_detector.diffrn_id              1 
_diffrn_detector.detector               'IMAGE PLATE' 
_diffrn_detector.type                   'RIGAKU RAXIS IV++' 
_diffrn_detector.pdbx_collection_date   1999-12-01 
_diffrn_detector.details                ? 
# 
_diffrn_radiation.diffrn_id                        1 
_diffrn_radiation.wavelength_id                    1 
_diffrn_radiation.monochromator                    ? 
_diffrn_radiation.pdbx_monochromatic_or_laue_m_l   M 
_diffrn_radiation.pdbx_diffrn_protocol             'SINGLE WAVELENGTH' 
_diffrn_radiation.pdbx_scattering_type             x-ray 
# 
_diffrn_radiation_wavelength.id           1 
_diffrn_radiation_wavelength.wavelength   1.5418 
_diffrn_radiation_wavelength.wt           1.0 
# 
_diffrn_source.diffrn_id                   1 
_diffrn_source.source                      'ROTATING ANODE' 
_diffrn_source.type                        'RIGAKU RU200' 
_diffrn_source.pdbx_wavelength             1.5418 
_diffrn_source.pdbx_synchrotron_site       ? 
_diffrn_source.pdbx_synchrotron_beamline   ? 
_diffrn_source.pdbx_wavelength_list        ? 
# 
_reflns.entry_id                     1FTD 
_reflns.observed_criterion_sigma_I   3 
_reflns.observed_criterion_sigma_F   ? 
_reflns.d_resolution_low             20 
_reflns.d_resolution_high            2 
_reflns.number_obs                   4427 
_reflns.number_all                   4891 
_reflns.percent_possible_obs         92.9 
_reflns.pdbx_Rmerge_I_obs            0.0400000 
_reflns.pdbx_Rsym_value              ? 
_reflns.pdbx_netI_over_sigmaI        27.9 
_reflns.B_iso_Wilson_estimate        ? 
_reflns.pdbx_redundancy              1.1 
_reflns.R_free_details               ? 
_reflns.pdbx_diffrn_id               1 
_reflns.pdbx_ordinal                 1 
# 
_reflns_shell.d_res_high             2.0 
_reflns_shell.d_res_low              2.03 
_reflns_shell.percent_possible_obs   ? 
_reflns_shell.percent_possible_all   ? 
_reflns_shell.Rmerge_I_obs           0.1000000 
_reflns_shell.meanI_over_sigI_obs    ? 
_reflns_shell.pdbx_Rsym_value        ? 
_reflns_shell.pdbx_redundancy        ? 
_reflns_shell.number_unique_all      ? 
_reflns_shell.pdbx_diffrn_id         ? 
_reflns_shell.pdbx_ordinal           1 
# 
_refine.entry_id                                 1FTD 
_refine.ls_number_reflns_obs                     4063 
_refine.ls_number_reflns_all                     4198 
_refine.pdbx_ls_sigma_I                          ? 
_refine.pdbx_ls_sigma_F                          4 
_refine.pdbx_data_cutoff_high_absF               ? 
_refine.pdbx_data_cutoff_low_absF                ? 
_refine.ls_d_res_low                             8 
_refine.ls_d_res_high                            2 
_refine.ls_percent_reflns_obs                    ? 
_refine.ls_R_factor_obs                          0.2420000 
_refine.ls_R_factor_all                          0.2490000 
_refine.ls_R_factor_R_work                       0.2440000 
_refine.ls_R_factor_R_free                       0.2920000 
_refine.ls_R_factor_R_free_error                 ? 
_refine.ls_R_factor_R_free_error_details         ? 
_refine.ls_percent_reflns_R_free                 ? 
_refine.ls_number_reflns_R_free                  448 
_refine.ls_number_parameters                     ? 
_refine.ls_number_restraints                     ? 
_refine.occupancy_min                            ? 
_refine.occupancy_max                            ? 
_refine.B_iso_mean                               ? 
_refine.aniso_B[1][1]                            ? 
_refine.aniso_B[2][2]                            ? 
_refine.aniso_B[3][3]                            ? 
_refine.aniso_B[1][2]                            ? 
_refine.aniso_B[1][3]                            ? 
_refine.aniso_B[2][3]                            ? 
_refine.solvent_model_details                    ? 
_refine.solvent_model_param_ksol                 ? 
_refine.solvent_model_param_bsol                 ? 
_refine.pdbx_ls_cross_valid_method               ? 
_refine.details                                  ? 
_refine.pdbx_starting_model                      ? 
_refine.pdbx_method_to_determine_struct          ? 
_refine.pdbx_isotropic_thermal_model             ? 
_refine.pdbx_stereochemistry_target_values       ? 
_refine.pdbx_stereochem_target_val_spec_case     ? 
_refine.pdbx_R_Free_selection_details            'RANDOM 10%' 
_refine.pdbx_overall_ESU_R_Free                  ? 
_refine.overall_SU_B                             ? 
_refine.ls_redundancy_reflns_obs                 ? 
_refine.overall_SU_ML                            ? 
_refine.pdbx_overall_ESU_R                       ? 
_refine.pdbx_data_cutoff_high_rms_absF           ? 
_refine.correlation_coeff_Fo_to_Fc               ? 
_refine.correlation_coeff_Fo_to_Fc_free          ? 
_refine.overall_SU_R_Cruickshank_DPI             ? 
_refine.overall_SU_R_free                        ? 
_refine.pdbx_refine_id                           'X-RAY DIFFRACTION' 
_refine.pdbx_diffrn_id                           1 
_refine.pdbx_TLS_residual_ADP_flag               ? 
_refine.pdbx_solvent_vdw_probe_radii             ? 
_refine.pdbx_solvent_ion_probe_radii             ? 
_refine.pdbx_solvent_shrinkage_radii             ? 
_refine.pdbx_overall_phase_error                 ? 
_refine.pdbx_overall_SU_R_free_Cruickshank_DPI   ? 
_refine.pdbx_overall_SU_R_Blow_DPI               ? 
_refine.pdbx_overall_SU_R_free_Blow_DPI          ? 
# 
_refine_hist.pdbx_refine_id                   'X-RAY DIFFRACTION' 
_refine_hist.cycle_id                         LAST 
_refine_hist.pdbx_number_atoms_protein        0 
_refine_hist.pdbx_number_atoms_nucleic_acid   486 
_refine_hist.pdbx_number_atoms_ligand         51 
_refine_hist.number_atoms_solvent             79 
_refine_hist.number_atoms_total               616 
_refine_hist.d_res_high                       2 
_refine_hist.d_res_low                        8 
# 
_struct.entry_id                  1FTD 
_struct.title                     
;5'-D(*CP*GP*CP*GP*AP*AP*TP*TP*CP*GP*CP*G)-3'-SYMMETRIC BIS-BENZIMIDAZOLE COMPLEX
;
_struct.pdbx_model_details        ? 
_struct.pdbx_CASP_flag            ? 
_struct.pdbx_model_type_details   ? 
# 
_struct_keywords.entry_id        1FTD 
_struct_keywords.pdbx_keywords   DNA 
_struct_keywords.text            'MINOR GROOVE BINDING, DNA' 
# 
loop_
_struct_asym.id 
_struct_asym.pdbx_blank_PDB_chainid_flag 
_struct_asym.pdbx_modified 
_struct_asym.entity_id 
_struct_asym.details 
A N N 1 ? 
B N N 1 ? 
C N N 2 ? 
D N N 3 ? 
E N N 4 ? 
F N N 4 ? 
# 
_struct_ref.id                         1 
_struct_ref.entity_id                  1 
_struct_ref.db_name                    PDB 
_struct_ref.db_code                    1FTD 
_struct_ref.pdbx_db_accession          1FTD 
_struct_ref.pdbx_db_isoform            ? 
_struct_ref.pdbx_seq_one_letter_code   ? 
_struct_ref.pdbx_align_begin           ? 
# 
loop_
_struct_ref_seq.align_id 
_struct_ref_seq.ref_id 
_struct_ref_seq.pdbx_PDB_id_code 
_struct_ref_seq.pdbx_strand_id 
_struct_ref_seq.seq_align_beg 
_struct_ref_seq.pdbx_seq_align_beg_ins_code 
_struct_ref_seq.seq_align_end 
_struct_ref_seq.pdbx_seq_align_end_ins_code 
_struct_ref_seq.pdbx_db_accession 
_struct_ref_seq.db_align_beg 
_struct_ref_seq.pdbx_db_align_beg_ins_code 
_struct_ref_seq.db_align_end 
_struct_ref_seq.pdbx_db_align_end_ins_code 
_struct_ref_seq.pdbx_auth_seq_align_beg 
_struct_ref_seq.pdbx_auth_seq_align_end 
1 1 1FTD A 1 ? 12 ? 1FTD 1  ? 12 ? 1  12 
2 1 1FTD B 1 ? 12 ? 1FTD 13 ? 24 ? 13 24 
# 
_pdbx_struct_assembly.id                   1 
_pdbx_struct_assembly.details              author_defined_assembly 
_pdbx_struct_assembly.method_details       ? 
_pdbx_struct_assembly.oligomeric_details   dimeric 
_pdbx_struct_assembly.oligomeric_count     2 
# 
_pdbx_struct_assembly_gen.assembly_id       1 
_pdbx_struct_assembly_gen.oper_expression   1 
_pdbx_struct_assembly_gen.asym_id_list      A,B,C,D,E,F 
# 
_pdbx_struct_oper_list.id                   1 
_pdbx_struct_oper_list.type                 'identity operation' 
_pdbx_struct_oper_list.name                 1_555 
_pdbx_struct_oper_list.symmetry_operation   x,y,z 
_pdbx_struct_oper_list.matrix[1][1]         1.0000000000 
_pdbx_struct_oper_list.matrix[1][2]         0.0000000000 
_pdbx_struct_oper_list.matrix[1][3]         0.0000000000 
_pdbx_struct_oper_list.vector[1]            0.0000000000 
_pdbx_struct_oper_list.matrix[2][1]         0.0000000000 
_pdbx_struct_oper_list.matrix[2][2]         1.0000000000 
_pdbx_struct_oper_list.matrix[2][3]         0.0000000000 
_pdbx_struct_oper_list.vector[2]            0.0000000000 
_pdbx_struct_oper_list.matrix[3][1]         0.0000000000 
_pdbx_struct_oper_list.matrix[3][2]         0.0000000000 
_pdbx_struct_oper_list.matrix[3][3]         1.0000000000 
_pdbx_struct_oper_list.vector[3]            0.0000000000 
# 
_struct_biol.id                    1 
_struct_biol.pdbx_parent_biol_id   ? 
_struct_biol.details               ? 
# 
loop_
_struct_conn.id 
_struct_conn.conn_type_id 
_struct_conn.pdbx_leaving_atom_flag 
_struct_conn.pdbx_PDB_id 
_struct_conn.ptnr1_label_asym_id 
_struct_conn.ptnr1_label_comp_id 
_struct_conn.ptnr1_label_seq_id 
_struct_conn.ptnr1_label_atom_id 
_struct_conn.pdbx_ptnr1_label_alt_id 
_struct_conn.pdbx_ptnr1_PDB_ins_code 
_struct_conn.pdbx_ptnr1_standard_comp_id 
_struct_conn.ptnr1_symmetry 
_struct_conn.ptnr2_label_asym_id 
_struct_conn.ptnr2_label_comp_id 
_struct_conn.ptnr2_label_seq_id 
_struct_conn.ptnr2_label_atom_id 
_struct_conn.pdbx_ptnr2_label_alt_id 
_struct_conn.pdbx_ptnr2_PDB_ins_code 
_struct_conn.ptnr1_auth_asym_id 
_struct_conn.ptnr1_auth_comp_id 
_struct_conn.ptnr1_auth_seq_id 
_struct_conn.ptnr2_auth_asym_id 
_struct_conn.ptnr2_auth_comp_id 
_struct_conn.ptnr2_auth_seq_id 
_struct_conn.ptnr2_symmetry 
_struct_conn.pdbx_ptnr3_label_atom_id 
_struct_conn.pdbx_ptnr3_label_seq_id 
_struct_conn.pdbx_ptnr3_label_comp_id 
_struct_conn.pdbx_ptnr3_label_asym_id 
_struct_conn.pdbx_ptnr3_label_alt_id 
_struct_conn.pdbx_ptnr3_PDB_ins_code 
_struct_conn.details 
_struct_conn.pdbx_dist_value 
_struct_conn.pdbx_value_order 
_struct_conn.pdbx_role 
metalc1  metalc ? ? C MG .  MG ? ? ? 1_555 E HOH .  O  ? ? A MG 26 A HOH 139 1_555 ? ? ? ? ? ? ?            2.019 ? ? 
metalc2  metalc ? ? C MG .  MG ? ? ? 1_555 E HOH .  O  ? ? A MG 26 A HOH 140 1_555 ? ? ? ? ? ? ?            2.017 ? ? 
metalc3  metalc ? ? C MG .  MG ? ? ? 1_555 E HOH .  O  ? ? A MG 26 A HOH 141 1_555 ? ? ? ? ? ? ?            2.012 ? ? 
metalc4  metalc ? ? C MG .  MG ? ? ? 1_555 E HOH .  O  ? ? A MG 26 A HOH 142 1_555 ? ? ? ? ? ? ?            2.011 ? ? 
metalc5  metalc ? ? C MG .  MG ? ? ? 1_555 E HOH .  O  ? ? A MG 26 A HOH 143 1_555 ? ? ? ? ? ? ?            2.023 ? ? 
metalc6  metalc ? ? C MG .  MG ? ? ? 1_555 E HOH .  O  ? ? A MG 26 A HOH 144 1_555 ? ? ? ? ? ? ?            2.018 ? ? 
hydrog1  hydrog ? ? A DC 1  N3 ? ? ? 1_555 B DG  12 N1 ? ? A DC 1  B DG  24  1_555 ? ? ? ? ? ? WATSON-CRICK ?     ? ? 
hydrog2  hydrog ? ? A DC 1  N4 ? ? ? 1_555 B DG  12 O6 ? ? A DC 1  B DG  24  1_555 ? ? ? ? ? ? WATSON-CRICK ?     ? ? 
hydrog3  hydrog ? ? A DC 1  O2 ? ? ? 1_555 B DG  12 N2 ? ? A DC 1  B DG  24  1_555 ? ? ? ? ? ? WATSON-CRICK ?     ? ? 
hydrog4  hydrog ? ? A DG 2  N1 ? ? ? 1_555 B DC  11 N3 ? ? A DG 2  B DC  23  1_555 ? ? ? ? ? ? WATSON-CRICK ?     ? ? 
hydrog5  hydrog ? ? A DG 2  N2 ? ? ? 1_555 B DC  11 O2 ? ? A DG 2  B DC  23  1_555 ? ? ? ? ? ? WATSON-CRICK ?     ? ? 
hydrog6  hydrog ? ? A DG 2  O6 ? ? ? 1_555 B DC  11 N4 ? ? A DG 2  B DC  23  1_555 ? ? ? ? ? ? WATSON-CRICK ?     ? ? 
hydrog7  hydrog ? ? A DC 3  N3 ? ? ? 1_555 B DG  10 N1 ? ? A DC 3  B DG  22  1_555 ? ? ? ? ? ? WATSON-CRICK ?     ? ? 
hydrog8  hydrog ? ? A DC 3  N4 ? ? ? 1_555 B DG  10 O6 ? ? A DC 3  B DG  22  1_555 ? ? ? ? ? ? WATSON-CRICK ?     ? ? 
hydrog9  hydrog ? ? A DC 3  O2 ? ? ? 1_555 B DG  10 N2 ? ? A DC 3  B DG  22  1_555 ? ? ? ? ? ? WATSON-CRICK ?     ? ? 
hydrog10 hydrog ? ? A DG 4  N1 ? ? ? 1_555 B DC  9  N3 ? ? A DG 4  B DC  21  1_555 ? ? ? ? ? ? WATSON-CRICK ?     ? ? 
hydrog11 hydrog ? ? A DG 4  N2 ? ? ? 1_555 B DC  9  O2 ? ? A DG 4  B DC  21  1_555 ? ? ? ? ? ? WATSON-CRICK ?     ? ? 
hydrog12 hydrog ? ? A DG 4  O6 ? ? ? 1_555 B DC  9  N4 ? ? A DG 4  B DC  21  1_555 ? ? ? ? ? ? WATSON-CRICK ?     ? ? 
hydrog13 hydrog ? ? A DA 5  N1 ? ? ? 1_555 B DT  8  N3 ? ? A DA 5  B DT  20  1_555 ? ? ? ? ? ? WATSON-CRICK ?     ? ? 
hydrog14 hydrog ? ? A DA 5  N6 ? ? ? 1_555 B DT  8  O4 ? ? A DA 5  B DT  20  1_555 ? ? ? ? ? ? WATSON-CRICK ?     ? ? 
hydrog15 hydrog ? ? A DA 6  N1 ? ? ? 1_555 B DT  7  N3 ? ? A DA 6  B DT  19  1_555 ? ? ? ? ? ? WATSON-CRICK ?     ? ? 
hydrog16 hydrog ? ? A DA 6  N6 ? ? ? 1_555 B DT  7  O4 ? ? A DA 6  B DT  19  1_555 ? ? ? ? ? ? WATSON-CRICK ?     ? ? 
hydrog17 hydrog ? ? A DT 7  N3 ? ? ? 1_555 B DA  6  N1 ? ? A DT 7  B DA  18  1_555 ? ? ? ? ? ? WATSON-CRICK ?     ? ? 
hydrog18 hydrog ? ? A DT 7  O4 ? ? ? 1_555 B DA  6  N6 ? ? A DT 7  B DA  18  1_555 ? ? ? ? ? ? WATSON-CRICK ?     ? ? 
hydrog19 hydrog ? ? A DT 8  N3 ? ? ? 1_555 B DA  5  N1 ? ? A DT 8  B DA  17  1_555 ? ? ? ? ? ? WATSON-CRICK ?     ? ? 
hydrog20 hydrog ? ? A DT 8  O4 ? ? ? 1_555 B DA  5  N6 ? ? A DT 8  B DA  17  1_555 ? ? ? ? ? ? WATSON-CRICK ?     ? ? 
hydrog21 hydrog ? ? A DC 9  N3 ? ? ? 1_555 B DG  4  N1 ? ? A DC 9  B DG  16  1_555 ? ? ? ? ? ? WATSON-CRICK ?     ? ? 
hydrog22 hydrog ? ? A DC 9  N4 ? ? ? 1_555 B DG  4  O6 ? ? A DC 9  B DG  16  1_555 ? ? ? ? ? ? WATSON-CRICK ?     ? ? 
hydrog23 hydrog ? ? A DC 9  O2 ? ? ? 1_555 B DG  4  N2 ? ? A DC 9  B DG  16  1_555 ? ? ? ? ? ? WATSON-CRICK ?     ? ? 
hydrog24 hydrog ? ? A DG 10 N1 ? ? ? 1_555 B DC  3  N3 ? ? A DG 10 B DC  15  1_555 ? ? ? ? ? ? WATSON-CRICK ?     ? ? 
hydrog25 hydrog ? ? A DG 10 N2 ? ? ? 1_555 B DC  3  O2 ? ? A DG 10 B DC  15  1_555 ? ? ? ? ? ? WATSON-CRICK ?     ? ? 
hydrog26 hydrog ? ? A DG 10 O6 ? ? ? 1_555 B DC  3  N4 ? ? A DG 10 B DC  15  1_555 ? ? ? ? ? ? WATSON-CRICK ?     ? ? 
hydrog27 hydrog ? ? A DC 11 N3 ? ? ? 1_555 B DG  2  N1 ? ? A DC 11 B DG  14  1_555 ? ? ? ? ? ? WATSON-CRICK ?     ? ? 
hydrog28 hydrog ? ? A DC 11 N4 ? ? ? 1_555 B DG  2  O6 ? ? A DC 11 B DG  14  1_555 ? ? ? ? ? ? WATSON-CRICK ?     ? ? 
hydrog29 hydrog ? ? A DC 11 O2 ? ? ? 1_555 B DG  2  N2 ? ? A DC 11 B DG  14  1_555 ? ? ? ? ? ? WATSON-CRICK ?     ? ? 
hydrog30 hydrog ? ? A DG 12 N1 ? ? ? 1_555 B DC  1  N3 ? ? A DG 12 B DC  13  1_555 ? ? ? ? ? ? WATSON-CRICK ?     ? ? 
hydrog31 hydrog ? ? A DG 12 N2 ? ? ? 1_555 B DC  1  O2 ? ? A DG 12 B DC  13  1_555 ? ? ? ? ? ? WATSON-CRICK ?     ? ? 
hydrog32 hydrog ? ? A DG 12 O6 ? ? ? 1_555 B DC  1  N4 ? ? A DG 12 B DC  13  1_555 ? ? ? ? ? ? WATSON-CRICK ?     ? ? 
# 
loop_
_struct_conn_type.id 
_struct_conn_type.criteria 
_struct_conn_type.reference 
metalc ? ? 
hydrog ? ? 
# 
loop_
_pdbx_struct_conn_angle.id 
_pdbx_struct_conn_angle.ptnr1_label_atom_id 
_pdbx_struct_conn_angle.ptnr1_label_alt_id 
_pdbx_struct_conn_angle.ptnr1_label_asym_id 
_pdbx_struct_conn_angle.ptnr1_label_comp_id 
_pdbx_struct_conn_angle.ptnr1_label_seq_id 
_pdbx_struct_conn_angle.ptnr1_auth_atom_id 
_pdbx_struct_conn_angle.ptnr1_auth_asym_id 
_pdbx_struct_conn_angle.ptnr1_auth_comp_id 
_pdbx_struct_conn_angle.ptnr1_auth_seq_id 
_pdbx_struct_conn_angle.ptnr1_PDB_ins_code 
_pdbx_struct_conn_angle.ptnr1_symmetry 
_pdbx_struct_conn_angle.ptnr2_label_atom_id 
_pdbx_struct_conn_angle.ptnr2_label_alt_id 
_pdbx_struct_conn_angle.ptnr2_label_asym_id 
_pdbx_struct_conn_angle.ptnr2_label_comp_id 
_pdbx_struct_conn_angle.ptnr2_label_seq_id 
_pdbx_struct_conn_angle.ptnr2_auth_atom_id 
_pdbx_struct_conn_angle.ptnr2_auth_asym_id 
_pdbx_struct_conn_angle.ptnr2_auth_comp_id 
_pdbx_struct_conn_angle.ptnr2_auth_seq_id 
_pdbx_struct_conn_angle.ptnr2_PDB_ins_code 
_pdbx_struct_conn_angle.ptnr2_symmetry 
_pdbx_struct_conn_angle.ptnr3_label_atom_id 
_pdbx_struct_conn_angle.ptnr3_label_alt_id 
_pdbx_struct_conn_angle.ptnr3_label_asym_id 
_pdbx_struct_conn_angle.ptnr3_label_comp_id 
_pdbx_struct_conn_angle.ptnr3_label_seq_id 
_pdbx_struct_conn_angle.ptnr3_auth_atom_id 
_pdbx_struct_conn_angle.ptnr3_auth_asym_id 
_pdbx_struct_conn_angle.ptnr3_auth_comp_id 
_pdbx_struct_conn_angle.ptnr3_auth_seq_id 
_pdbx_struct_conn_angle.ptnr3_PDB_ins_code 
_pdbx_struct_conn_angle.ptnr3_symmetry 
_pdbx_struct_conn_angle.value 
_pdbx_struct_conn_angle.value_esd 
1  O ? E HOH . ? A HOH 139 ? 1_555 MG ? C MG . ? A MG 26 ? 1_555 O ? E HOH . ? A HOH 140 ? 1_555 90.2  ? 
2  O ? E HOH . ? A HOH 139 ? 1_555 MG ? C MG . ? A MG 26 ? 1_555 O ? E HOH . ? A HOH 141 ? 1_555 178.9 ? 
3  O ? E HOH . ? A HOH 140 ? 1_555 MG ? C MG . ? A MG 26 ? 1_555 O ? E HOH . ? A HOH 141 ? 1_555 90.8  ? 
4  O ? E HOH . ? A HOH 139 ? 1_555 MG ? C MG . ? A MG 26 ? 1_555 O ? E HOH . ? A HOH 142 ? 1_555 88.6  ? 
5  O ? E HOH . ? A HOH 140 ? 1_555 MG ? C MG . ? A MG 26 ? 1_555 O ? E HOH . ? A HOH 142 ? 1_555 178.6 ? 
6  O ? E HOH . ? A HOH 141 ? 1_555 MG ? C MG . ? A MG 26 ? 1_555 O ? E HOH . ? A HOH 142 ? 1_555 90.4  ? 
7  O ? E HOH . ? A HOH 139 ? 1_555 MG ? C MG . ? A MG 26 ? 1_555 O ? E HOH . ? A HOH 143 ? 1_555 90.1  ? 
8  O ? E HOH . ? A HOH 140 ? 1_555 MG ? C MG . ? A MG 26 ? 1_555 O ? E HOH . ? A HOH 143 ? 1_555 88.1  ? 
9  O ? E HOH . ? A HOH 141 ? 1_555 MG ? C MG . ? A MG 26 ? 1_555 O ? E HOH . ? A HOH 143 ? 1_555 90.5  ? 
10 O ? E HOH . ? A HOH 142 ? 1_555 MG ? C MG . ? A MG 26 ? 1_555 O ? E HOH . ? A HOH 143 ? 1_555 91.2  ? 
11 O ? E HOH . ? A HOH 139 ? 1_555 MG ? C MG . ? A MG 26 ? 1_555 O ? E HOH . ? A HOH 144 ? 1_555 89.7  ? 
12 O ? E HOH . ? A HOH 140 ? 1_555 MG ? C MG . ? A MG 26 ? 1_555 O ? E HOH . ? A HOH 144 ? 1_555 90.0  ? 
13 O ? E HOH . ? A HOH 141 ? 1_555 MG ? C MG . ? A MG 26 ? 1_555 O ? E HOH . ? A HOH 144 ? 1_555 89.7  ? 
14 O ? E HOH . ? A HOH 142 ? 1_555 MG ? C MG . ? A MG 26 ? 1_555 O ? E HOH . ? A HOH 144 ? 1_555 90.7  ? 
15 O ? E HOH . ? A HOH 143 ? 1_555 MG ? C MG . ? A MG 26 ? 1_555 O ? E HOH . ? A HOH 144 ? 1_555 178.1 ? 
# 
loop_
_struct_site.id 
_struct_site.pdbx_evidence_code 
_struct_site.pdbx_auth_asym_id 
_struct_site.pdbx_auth_comp_id 
_struct_site.pdbx_auth_seq_id 
_struct_site.pdbx_auth_ins_code 
_struct_site.pdbx_num_residues 
_struct_site.details 
AC1 Software A MG  26 ? 6  'BINDING SITE FOR RESIDUE MG A 26'  
AC2 Software A E97 25 ? 17 'BINDING SITE FOR RESIDUE E97 A 25' 
1   ?        ? ?   ?  ? ?  ?                                   
# 
loop_
_struct_site_gen.id 
_struct_site_gen.site_id 
_struct_site_gen.pdbx_num_res 
_struct_site_gen.label_comp_id 
_struct_site_gen.label_asym_id 
_struct_site_gen.label_seq_id 
_struct_site_gen.pdbx_auth_ins_code 
_struct_site_gen.auth_comp_id 
_struct_site_gen.auth_asym_id 
_struct_site_gen.auth_seq_id 
_struct_site_gen.label_atom_id 
_struct_site_gen.label_alt_id 
_struct_site_gen.symmetry 
_struct_site_gen.details 
1  AC1 6  HOH E .  ? HOH A 139 . ? 1_555 ? 
2  AC1 6  HOH E .  ? HOH A 140 . ? 1_555 ? 
3  AC1 6  HOH E .  ? HOH A 141 . ? 1_555 ? 
4  AC1 6  HOH E .  ? HOH A 142 . ? 1_555 ? 
5  AC1 6  HOH E .  ? HOH A 143 . ? 1_555 ? 
6  AC1 6  HOH E .  ? HOH A 144 . ? 1_555 ? 
7  AC2 17 DG  A 4  ? DG  A 4   . ? 1_555 ? 
8  AC2 17 DA  A 6  ? DA  A 6   . ? 1_555 ? 
9  AC2 17 DT  A 7  ? DT  A 7   . ? 1_555 ? 
10 AC2 17 DT  A 8  ? DT  A 8   . ? 1_555 ? 
11 AC2 17 DC  A 9  ? DC  A 9   . ? 1_555 ? 
12 AC2 17 DG  A 10 ? DG  A 10  . ? 1_555 ? 
13 AC2 17 DC  A 11 ? DC  A 11  . ? 1_555 ? 
14 AC2 17 DG  A 12 ? DG  A 12  . ? 2_665 ? 
15 AC2 17 DG  B 4  ? DG  B 16  . ? 1_555 ? 
16 AC2 17 DA  B 5  ? DA  B 17  . ? 1_555 ? 
17 AC2 17 DA  B 6  ? DA  B 18  . ? 1_555 ? 
18 AC2 17 DT  B 7  ? DT  B 19  . ? 1_555 ? 
19 AC2 17 DT  B 8  ? DT  B 20  . ? 1_555 ? 
20 AC2 17 DC  B 9  ? DC  B 21  . ? 1_555 ? 
21 AC2 17 DG  B 10 ? DG  B 22  . ? 1_555 ? 
22 AC2 17 DC  B 11 ? DC  B 23  . ? 1_555 ? 
23 AC2 17 DG  B 12 ? DG  B 24  . ? 2_664 ? 
# 
loop_
_pdbx_validate_rmsd_bond.id 
_pdbx_validate_rmsd_bond.PDB_model_num 
_pdbx_validate_rmsd_bond.auth_atom_id_1 
_pdbx_validate_rmsd_bond.auth_asym_id_1 
_pdbx_validate_rmsd_bond.auth_comp_id_1 
_pdbx_validate_rmsd_bond.auth_seq_id_1 
_pdbx_validate_rmsd_bond.PDB_ins_code_1 
_pdbx_validate_rmsd_bond.label_alt_id_1 
_pdbx_validate_rmsd_bond.auth_atom_id_2 
_pdbx_validate_rmsd_bond.auth_asym_id_2 
_pdbx_validate_rmsd_bond.auth_comp_id_2 
_pdbx_validate_rmsd_bond.auth_seq_id_2 
_pdbx_validate_rmsd_bond.PDB_ins_code_2 
_pdbx_validate_rmsd_bond.label_alt_id_2 
_pdbx_validate_rmsd_bond.bond_value 
_pdbx_validate_rmsd_bond.bond_target_value 
_pdbx_validate_rmsd_bond.bond_deviation 
_pdbx_validate_rmsd_bond.bond_standard_deviation 
_pdbx_validate_rmsd_bond.linker_flag 
1 1 "C1'" A DA 5  ? ? N9 A DA 5  ? ? 1.587 1.488 0.099 0.013 N 
2 1 "C1'" A DA 6  ? ? N9 A DA 6  ? ? 1.600 1.488 0.112 0.013 N 
3 1 "C1'" B DA 17 ? ? N9 B DA 17 ? ? 1.600 1.488 0.112 0.013 N 
4 1 "C1'" B DA 18 ? ? N9 B DA 18 ? ? 1.595 1.488 0.107 0.013 N 
# 
loop_
_pdbx_validate_rmsd_angle.id 
_pdbx_validate_rmsd_angle.PDB_model_num 
_pdbx_validate_rmsd_angle.auth_atom_id_1 
_pdbx_validate_rmsd_angle.auth_asym_id_1 
_pdbx_validate_rmsd_angle.auth_comp_id_1 
_pdbx_validate_rmsd_angle.auth_seq_id_1 
_pdbx_validate_rmsd_angle.PDB_ins_code_1 
_pdbx_validate_rmsd_angle.label_alt_id_1 
_pdbx_validate_rmsd_angle.auth_atom_id_2 
_pdbx_validate_rmsd_angle.auth_asym_id_2 
_pdbx_validate_rmsd_angle.auth_comp_id_2 
_pdbx_validate_rmsd_angle.auth_seq_id_2 
_pdbx_validate_rmsd_angle.PDB_ins_code_2 
_pdbx_validate_rmsd_angle.label_alt_id_2 
_pdbx_validate_rmsd_angle.auth_atom_id_3 
_pdbx_validate_rmsd_angle.auth_asym_id_3 
_pdbx_validate_rmsd_angle.auth_comp_id_3 
_pdbx_validate_rmsd_angle.auth_seq_id_3 
_pdbx_validate_rmsd_angle.PDB_ins_code_3 
_pdbx_validate_rmsd_angle.label_alt_id_3 
_pdbx_validate_rmsd_angle.angle_value 
_pdbx_validate_rmsd_angle.angle_target_value 
_pdbx_validate_rmsd_angle.angle_deviation 
_pdbx_validate_rmsd_angle.angle_standard_deviation 
_pdbx_validate_rmsd_angle.linker_flag 
1  1 "O4'" A DC 1  ? ? "C1'" A DC 1  ? ? N1    A DC 1  ? ? 100.76 108.00 -7.24 0.70 N 
2  1 "O4'" A DC 3  ? ? "C1'" A DC 3  ? ? N1    A DC 3  ? ? 101.00 108.00 -7.00 0.70 N 
3  1 N9    A DA 5  ? ? "C1'" A DA 5  ? ? "C2'" A DA 5  ? ? 123.01 114.30 8.71  1.40 N 
4  1 "O4'" A DA 5  ? ? "C1'" A DA 5  ? ? N9    A DA 5  ? ? 103.35 108.00 -4.65 0.70 N 
5  1 N9    A DA 6  ? ? "C1'" A DA 6  ? ? "C2'" A DA 6  ? ? 123.16 114.30 8.86  1.40 N 
6  1 "O4'" A DA 6  ? ? "C1'" A DA 6  ? ? N9    A DA 6  ? ? 103.52 108.00 -4.48 0.70 N 
7  1 N1    A DT 7  ? ? "C1'" A DT 7  ? ? "C2'" A DT 7  ? ? 124.24 114.30 9.94  1.40 N 
8  1 "O4'" A DT 7  ? ? "C1'" A DT 7  ? ? N1    A DT 7  ? ? 100.52 108.00 -7.48 0.70 N 
9  1 N1    A DT 8  ? ? "C1'" A DT 8  ? ? "C2'" A DT 8  ? ? 124.04 114.30 9.74  1.40 N 
10 1 "O4'" A DT 8  ? ? "C1'" A DT 8  ? ? N1    A DT 8  ? ? 99.53  108.00 -8.47 0.70 N 
11 1 N1    A DC 9  ? ? "C1'" A DC 9  ? ? "C2'" A DC 9  ? ? 123.13 114.30 8.83  1.40 N 
12 1 "O4'" A DC 9  ? ? "C1'" A DC 9  ? ? N1    A DC 9  ? ? 98.84  108.00 -9.16 0.70 N 
13 1 N1    A DC 9  ? ? C2    A DC 9  ? ? O2    A DC 9  ? ? 123.85 118.90 4.95  0.60 N 
14 1 N3    A DC 9  ? ? C2    A DC 9  ? ? O2    A DC 9  ? ? 117.41 121.90 -4.49 0.70 N 
15 1 N1    A DC 11 ? ? "C1'" A DC 11 ? ? "C2'" A DC 11 ? ? 123.26 114.30 8.96  1.40 N 
16 1 "O4'" A DC 11 ? ? "C1'" A DC 11 ? ? N1    A DC 11 ? ? 100.38 108.00 -7.62 0.70 N 
17 1 "O4'" B DC 13 ? ? "C1'" B DC 13 ? ? N1    B DC 13 ? ? 102.61 108.00 -5.39 0.70 N 
18 1 "O4'" B DC 15 ? ? "C1'" B DC 15 ? ? N1    B DC 15 ? ? 100.71 108.00 -7.29 0.70 N 
19 1 N9    B DA 17 ? ? "C1'" B DA 17 ? ? "C2'" B DA 17 ? ? 122.87 114.30 8.57  1.40 N 
20 1 "O4'" B DA 17 ? ? "C1'" B DA 17 ? ? N9    B DA 17 ? ? 102.89 108.00 -5.11 0.70 N 
21 1 N9    B DA 18 ? ? "C1'" B DA 18 ? ? "C2'" B DA 18 ? ? 124.95 114.30 10.65 1.40 N 
22 1 "O4'" B DA 18 ? ? "C1'" B DA 18 ? ? N9    B DA 18 ? ? 101.98 108.00 -6.02 0.70 N 
23 1 N1    B DT 19 ? ? "C1'" B DT 19 ? ? "C2'" B DT 19 ? ? 124.71 114.30 10.41 1.40 N 
24 1 "O4'" B DT 19 ? ? "C1'" B DT 19 ? ? N1    B DT 19 ? ? 99.09  108.00 -8.91 0.70 N 
25 1 N1    B DT 20 ? ? "C1'" B DT 20 ? ? "C2'" B DT 20 ? ? 123.41 114.30 9.11  1.40 N 
26 1 "O4'" B DT 20 ? ? "C1'" B DT 20 ? ? N1    B DT 20 ? ? 100.72 108.00 -7.28 0.70 N 
27 1 "O4'" B DC 21 ? ? "C1'" B DC 21 ? ? N1    B DC 21 ? ? 101.42 108.00 -6.58 0.70 N 
28 1 "O4'" B DC 23 ? ? "C1'" B DC 23 ? ? N1    B DC 23 ? ? 102.00 108.00 -6.00 0.70 N 
# 
_struct_site_keywords.site_id   1 
_struct_site_keywords.text      'MINOR GROOVE BINDER' 
# 
loop_
_chem_comp_atom.comp_id 
_chem_comp_atom.atom_id 
_chem_comp_atom.type_symbol 
_chem_comp_atom.pdbx_aromatic_flag 
_chem_comp_atom.pdbx_stereo_config 
_chem_comp_atom.pdbx_ordinal 
DA  OP3    O  N N 1   
DA  P      P  N N 2   
DA  OP1    O  N N 3   
DA  OP2    O  N N 4   
DA  "O5'"  O  N N 5   
DA  "C5'"  C  N N 6   
DA  "C4'"  C  N R 7   
DA  "O4'"  O  N N 8   
DA  "C3'"  C  N S 9   
DA  "O3'"  O  N N 10  
DA  "C2'"  C  N N 11  
DA  "C1'"  C  N R 12  
DA  N9     N  Y N 13  
DA  C8     C  Y N 14  
DA  N7     N  Y N 15  
DA  C5     C  Y N 16  
DA  C6     C  Y N 17  
DA  N6     N  N N 18  
DA  N1     N  Y N 19  
DA  C2     C  Y N 20  
DA  N3     N  Y N 21  
DA  C4     C  Y N 22  
DA  HOP3   H  N N 23  
DA  HOP2   H  N N 24  
DA  "H5'"  H  N N 25  
DA  "H5''" H  N N 26  
DA  "H4'"  H  N N 27  
DA  "H3'"  H  N N 28  
DA  "HO3'" H  N N 29  
DA  "H2'"  H  N N 30  
DA  "H2''" H  N N 31  
DA  "H1'"  H  N N 32  
DA  H8     H  N N 33  
DA  H61    H  N N 34  
DA  H62    H  N N 35  
DA  H2     H  N N 36  
DC  OP3    O  N N 37  
DC  P      P  N N 38  
DC  OP1    O  N N 39  
DC  OP2    O  N N 40  
DC  "O5'"  O  N N 41  
DC  "C5'"  C  N N 42  
DC  "C4'"  C  N R 43  
DC  "O4'"  O  N N 44  
DC  "C3'"  C  N S 45  
DC  "O3'"  O  N N 46  
DC  "C2'"  C  N N 47  
DC  "C1'"  C  N R 48  
DC  N1     N  N N 49  
DC  C2     C  N N 50  
DC  O2     O  N N 51  
DC  N3     N  N N 52  
DC  C4     C  N N 53  
DC  N4     N  N N 54  
DC  C5     C  N N 55  
DC  C6     C  N N 56  
DC  HOP3   H  N N 57  
DC  HOP2   H  N N 58  
DC  "H5'"  H  N N 59  
DC  "H5''" H  N N 60  
DC  "H4'"  H  N N 61  
DC  "H3'"  H  N N 62  
DC  "HO3'" H  N N 63  
DC  "H2'"  H  N N 64  
DC  "H2''" H  N N 65  
DC  "H1'"  H  N N 66  
DC  H41    H  N N 67  
DC  H42    H  N N 68  
DC  H5     H  N N 69  
DC  H6     H  N N 70  
DG  OP3    O  N N 71  
DG  P      P  N N 72  
DG  OP1    O  N N 73  
DG  OP2    O  N N 74  
DG  "O5'"  O  N N 75  
DG  "C5'"  C  N N 76  
DG  "C4'"  C  N R 77  
DG  "O4'"  O  N N 78  
DG  "C3'"  C  N S 79  
DG  "O3'"  O  N N 80  
DG  "C2'"  C  N N 81  
DG  "C1'"  C  N R 82  
DG  N9     N  Y N 83  
DG  C8     C  Y N 84  
DG  N7     N  Y N 85  
DG  C5     C  Y N 86  
DG  C6     C  N N 87  
DG  O6     O  N N 88  
DG  N1     N  N N 89  
DG  C2     C  N N 90  
DG  N2     N  N N 91  
DG  N3     N  N N 92  
DG  C4     C  Y N 93  
DG  HOP3   H  N N 94  
DG  HOP2   H  N N 95  
DG  "H5'"  H  N N 96  
DG  "H5''" H  N N 97  
DG  "H4'"  H  N N 98  
DG  "H3'"  H  N N 99  
DG  "HO3'" H  N N 100 
DG  "H2'"  H  N N 101 
DG  "H2''" H  N N 102 
DG  "H1'"  H  N N 103 
DG  H8     H  N N 104 
DG  H1     H  N N 105 
DG  H21    H  N N 106 
DG  H22    H  N N 107 
DT  OP3    O  N N 108 
DT  P      P  N N 109 
DT  OP1    O  N N 110 
DT  OP2    O  N N 111 
DT  "O5'"  O  N N 112 
DT  "C5'"  C  N N 113 
DT  "C4'"  C  N R 114 
DT  "O4'"  O  N N 115 
DT  "C3'"  C  N S 116 
DT  "O3'"  O  N N 117 
DT  "C2'"  C  N N 118 
DT  "C1'"  C  N R 119 
DT  N1     N  N N 120 
DT  C2     C  N N 121 
DT  O2     O  N N 122 
DT  N3     N  N N 123 
DT  C4     C  N N 124 
DT  O4     O  N N 125 
DT  C5     C  N N 126 
DT  C7     C  N N 127 
DT  C6     C  N N 128 
DT  HOP3   H  N N 129 
DT  HOP2   H  N N 130 
DT  "H5'"  H  N N 131 
DT  "H5''" H  N N 132 
DT  "H4'"  H  N N 133 
DT  "H3'"  H  N N 134 
DT  "HO3'" H  N N 135 
DT  "H2'"  H  N N 136 
DT  "H2''" H  N N 137 
DT  "H1'"  H  N N 138 
DT  H3     H  N N 139 
DT  H71    H  N N 140 
DT  H72    H  N N 141 
DT  H73    H  N N 142 
DT  H6     H  N N 143 
E97 C1     C  Y N 144 
E97 C2     C  Y N 145 
E97 C3     C  Y N 146 
E97 C4     C  Y N 147 
E97 C5     C  Y N 148 
E97 C6     C  Y N 149 
E97 C7     C  Y N 150 
E97 C8     C  Y N 151 
E97 C9     C  Y N 152 
E97 C10    C  Y N 153 
E97 C11    C  Y N 154 
E97 C12    C  Y N 155 
E97 N13    N  Y N 156 
E97 C14    C  Y N 157 
E97 N15    N  Y N 158 
E97 N16    N  Y N 159 
E97 C17    C  Y N 160 
E97 N18    N  Y N 161 
E97 C19    C  Y N 162 
E97 C20    C  Y N 163 
E97 C21    C  Y N 164 
E97 C22    C  Y N 165 
E97 C23    C  Y N 166 
E97 C24    C  Y N 167 
E97 C25    C  Y N 168 
E97 C26    C  Y N 169 
E97 C27    C  Y N 170 
E97 C28    C  Y N 171 
E97 C29    C  Y N 172 
E97 C30    C  Y N 173 
E97 O31    O  N N 174 
E97 C32    C  N N 175 
E97 C33    C  N N 176 
E97 C34    C  N N 177 
E97 N35    N  N N 178 
E97 O36    O  N N 179 
E97 C37    C  N N 180 
E97 C38    C  N N 181 
E97 C39    C  N N 182 
E97 N40    N  N N 183 
E97 C41    C  N N 184 
E97 C42    C  N N 185 
E97 C43    C  N N 186 
E97 C44    C  N N 187 
E97 H1     H  N N 188 
E97 H3     H  N N 189 
E97 H5     H  N N 190 
E97 H8     H  N N 191 
E97 H9     H  N N 192 
E97 H11    H  N N 193 
E97 H13    H  N N 194 
E97 H18    H  N N 195 
E97 H20    H  N N 196 
E97 H21    H  N N 197 
E97 H23    H  N N 198 
E97 H24    H  N N 199 
E97 H26    H  N N 200 
E97 H27    H  N N 201 
E97 H29    H  N N 202 
E97 H30    H  N N 203 
E97 H321   H  N N 204 
E97 H322   H  N N 205 
E97 H331   H  N N 206 
E97 H332   H  N N 207 
E97 H341   H  N N 208 
E97 H342   H  N N 209 
E97 H371   H  N N 210 
E97 H372   H  N N 211 
E97 H381   H  N N 212 
E97 H382   H  N N 213 
E97 H391   H  N N 214 
E97 H392   H  N N 215 
E97 H411   H  N N 216 
E97 H412   H  N N 217 
E97 H413   H  N N 218 
E97 H421   H  N N 219 
E97 H422   H  N N 220 
E97 H423   H  N N 221 
E97 H431   H  N N 222 
E97 H432   H  N N 223 
E97 H433   H  N N 224 
E97 H441   H  N N 225 
E97 H442   H  N N 226 
E97 H443   H  N N 227 
HOH O      O  N N 228 
HOH H1     H  N N 229 
HOH H2     H  N N 230 
MG  MG     MG N N 231 
# 
loop_
_chem_comp_bond.comp_id 
_chem_comp_bond.atom_id_1 
_chem_comp_bond.atom_id_2 
_chem_comp_bond.value_order 
_chem_comp_bond.pdbx_aromatic_flag 
_chem_comp_bond.pdbx_stereo_config 
_chem_comp_bond.pdbx_ordinal 
DA  OP3   P      sing N N 1   
DA  OP3   HOP3   sing N N 2   
DA  P     OP1    doub N N 3   
DA  P     OP2    sing N N 4   
DA  P     "O5'"  sing N N 5   
DA  OP2   HOP2   sing N N 6   
DA  "O5'" "C5'"  sing N N 7   
DA  "C5'" "C4'"  sing N N 8   
DA  "C5'" "H5'"  sing N N 9   
DA  "C5'" "H5''" sing N N 10  
DA  "C4'" "O4'"  sing N N 11  
DA  "C4'" "C3'"  sing N N 12  
DA  "C4'" "H4'"  sing N N 13  
DA  "O4'" "C1'"  sing N N 14  
DA  "C3'" "O3'"  sing N N 15  
DA  "C3'" "C2'"  sing N N 16  
DA  "C3'" "H3'"  sing N N 17  
DA  "O3'" "HO3'" sing N N 18  
DA  "C2'" "C1'"  sing N N 19  
DA  "C2'" "H2'"  sing N N 20  
DA  "C2'" "H2''" sing N N 21  
DA  "C1'" N9     sing N N 22  
DA  "C1'" "H1'"  sing N N 23  
DA  N9    C8     sing Y N 24  
DA  N9    C4     sing Y N 25  
DA  C8    N7     doub Y N 26  
DA  C8    H8     sing N N 27  
DA  N7    C5     sing Y N 28  
DA  C5    C6     sing Y N 29  
DA  C5    C4     doub Y N 30  
DA  C6    N6     sing N N 31  
DA  C6    N1     doub Y N 32  
DA  N6    H61    sing N N 33  
DA  N6    H62    sing N N 34  
DA  N1    C2     sing Y N 35  
DA  C2    N3     doub Y N 36  
DA  C2    H2     sing N N 37  
DA  N3    C4     sing Y N 38  
DC  OP3   P      sing N N 39  
DC  OP3   HOP3   sing N N 40  
DC  P     OP1    doub N N 41  
DC  P     OP2    sing N N 42  
DC  P     "O5'"  sing N N 43  
DC  OP2   HOP2   sing N N 44  
DC  "O5'" "C5'"  sing N N 45  
DC  "C5'" "C4'"  sing N N 46  
DC  "C5'" "H5'"  sing N N 47  
DC  "C5'" "H5''" sing N N 48  
DC  "C4'" "O4'"  sing N N 49  
DC  "C4'" "C3'"  sing N N 50  
DC  "C4'" "H4'"  sing N N 51  
DC  "O4'" "C1'"  sing N N 52  
DC  "C3'" "O3'"  sing N N 53  
DC  "C3'" "C2'"  sing N N 54  
DC  "C3'" "H3'"  sing N N 55  
DC  "O3'" "HO3'" sing N N 56  
DC  "C2'" "C1'"  sing N N 57  
DC  "C2'" "H2'"  sing N N 58  
DC  "C2'" "H2''" sing N N 59  
DC  "C1'" N1     sing N N 60  
DC  "C1'" "H1'"  sing N N 61  
DC  N1    C2     sing N N 62  
DC  N1    C6     sing N N 63  
DC  C2    O2     doub N N 64  
DC  C2    N3     sing N N 65  
DC  N3    C4     doub N N 66  
DC  C4    N4     sing N N 67  
DC  C4    C5     sing N N 68  
DC  N4    H41    sing N N 69  
DC  N4    H42    sing N N 70  
DC  C5    C6     doub N N 71  
DC  C5    H5     sing N N 72  
DC  C6    H6     sing N N 73  
DG  OP3   P      sing N N 74  
DG  OP3   HOP3   sing N N 75  
DG  P     OP1    doub N N 76  
DG  P     OP2    sing N N 77  
DG  P     "O5'"  sing N N 78  
DG  OP2   HOP2   sing N N 79  
DG  "O5'" "C5'"  sing N N 80  
DG  "C5'" "C4'"  sing N N 81  
DG  "C5'" "H5'"  sing N N 82  
DG  "C5'" "H5''" sing N N 83  
DG  "C4'" "O4'"  sing N N 84  
DG  "C4'" "C3'"  sing N N 85  
DG  "C4'" "H4'"  sing N N 86  
DG  "O4'" "C1'"  sing N N 87  
DG  "C3'" "O3'"  sing N N 88  
DG  "C3'" "C2'"  sing N N 89  
DG  "C3'" "H3'"  sing N N 90  
DG  "O3'" "HO3'" sing N N 91  
DG  "C2'" "C1'"  sing N N 92  
DG  "C2'" "H2'"  sing N N 93  
DG  "C2'" "H2''" sing N N 94  
DG  "C1'" N9     sing N N 95  
DG  "C1'" "H1'"  sing N N 96  
DG  N9    C8     sing Y N 97  
DG  N9    C4     sing Y N 98  
DG  C8    N7     doub Y N 99  
DG  C8    H8     sing N N 100 
DG  N7    C5     sing Y N 101 
DG  C5    C6     sing N N 102 
DG  C5    C4     doub Y N 103 
DG  C6    O6     doub N N 104 
DG  C6    N1     sing N N 105 
DG  N1    C2     sing N N 106 
DG  N1    H1     sing N N 107 
DG  C2    N2     sing N N 108 
DG  C2    N3     doub N N 109 
DG  N2    H21    sing N N 110 
DG  N2    H22    sing N N 111 
DG  N3    C4     sing N N 112 
DT  OP3   P      sing N N 113 
DT  OP3   HOP3   sing N N 114 
DT  P     OP1    doub N N 115 
DT  P     OP2    sing N N 116 
DT  P     "O5'"  sing N N 117 
DT  OP2   HOP2   sing N N 118 
DT  "O5'" "C5'"  sing N N 119 
DT  "C5'" "C4'"  sing N N 120 
DT  "C5'" "H5'"  sing N N 121 
DT  "C5'" "H5''" sing N N 122 
DT  "C4'" "O4'"  sing N N 123 
DT  "C4'" "C3'"  sing N N 124 
DT  "C4'" "H4'"  sing N N 125 
DT  "O4'" "C1'"  sing N N 126 
DT  "C3'" "O3'"  sing N N 127 
DT  "C3'" "C2'"  sing N N 128 
DT  "C3'" "H3'"  sing N N 129 
DT  "O3'" "HO3'" sing N N 130 
DT  "C2'" "C1'"  sing N N 131 
DT  "C2'" "H2'"  sing N N 132 
DT  "C2'" "H2''" sing N N 133 
DT  "C1'" N1     sing N N 134 
DT  "C1'" "H1'"  sing N N 135 
DT  N1    C2     sing N N 136 
DT  N1    C6     sing N N 137 
DT  C2    O2     doub N N 138 
DT  C2    N3     sing N N 139 
DT  N3    C4     sing N N 140 
DT  N3    H3     sing N N 141 
DT  C4    O4     doub N N 142 
DT  C4    C5     sing N N 143 
DT  C5    C7     sing N N 144 
DT  C5    C6     doub N N 145 
DT  C7    H71    sing N N 146 
DT  C7    H72    sing N N 147 
DT  C7    H73    sing N N 148 
DT  C6    H6     sing N N 149 
E97 C1    C2     doub Y N 150 
E97 C1    C3     sing Y N 151 
E97 C1    H1     sing N N 152 
E97 C2    C6     sing Y N 153 
E97 C2    N16    sing Y N 154 
E97 C3    C4     doub Y N 155 
E97 C3    H3     sing N N 156 
E97 C4    C5     sing Y N 157 
E97 C4    C7     sing Y N 158 
E97 C5    C6     doub Y N 159 
E97 C5    H5     sing N N 160 
E97 C6    N18    sing Y N 161 
E97 C7    C8     doub Y N 162 
E97 C7    C11    sing Y N 163 
E97 C8    C9     sing Y N 164 
E97 C8    H8     sing N N 165 
E97 C9    C10    doub Y N 166 
E97 C9    H9     sing N N 167 
E97 C10   C12    sing Y N 168 
E97 C10   N13    sing Y N 169 
E97 C11   C12    doub Y N 170 
E97 C11   H11    sing N N 171 
E97 C12   N15    sing Y N 172 
E97 N13   C14    sing Y N 173 
E97 N13   H13    sing N N 174 
E97 C14   N15    doub Y N 175 
E97 C14   C19    sing Y N 176 
E97 N16   C17    doub Y N 177 
E97 C17   N18    sing Y N 178 
E97 C17   C25    sing Y N 179 
E97 N18   H18    sing N N 180 
E97 C19   C20    doub Y N 181 
E97 C19   C23    sing Y N 182 
E97 C20   C21    sing Y N 183 
E97 C20   H20    sing N N 184 
E97 C21   C22    doub Y N 185 
E97 C21   H21    sing N N 186 
E97 C22   C24    sing Y N 187 
E97 C22   O36    sing N N 188 
E97 C23   C24    doub Y N 189 
E97 C23   H23    sing N N 190 
E97 C24   H24    sing N N 191 
E97 C25   C26    doub Y N 192 
E97 C25   C30    sing Y N 193 
E97 C26   C27    sing Y N 194 
E97 C26   H26    sing N N 195 
E97 C27   C28    doub Y N 196 
E97 C27   H27    sing N N 197 
E97 C28   C29    sing Y N 198 
E97 C28   O31    sing N N 199 
E97 C29   C30    doub Y N 200 
E97 C29   H29    sing N N 201 
E97 C30   H30    sing N N 202 
E97 O31   C32    sing N N 203 
E97 C32   C33    sing N N 204 
E97 C32   H321   sing N N 205 
E97 C32   H322   sing N N 206 
E97 C33   C34    sing N N 207 
E97 C33   H331   sing N N 208 
E97 C33   H332   sing N N 209 
E97 C34   N35    sing N N 210 
E97 C34   H341   sing N N 211 
E97 C34   H342   sing N N 212 
E97 N35   C43    sing N N 213 
E97 N35   C44    sing N N 214 
E97 O36   C37    sing N N 215 
E97 C37   C38    sing N N 216 
E97 C37   H371   sing N N 217 
E97 C37   H372   sing N N 218 
E97 C38   C39    sing N N 219 
E97 C38   H381   sing N N 220 
E97 C38   H382   sing N N 221 
E97 C39   N40    sing N N 222 
E97 C39   H391   sing N N 223 
E97 C39   H392   sing N N 224 
E97 N40   C41    sing N N 225 
E97 N40   C42    sing N N 226 
E97 C41   H411   sing N N 227 
E97 C41   H412   sing N N 228 
E97 C41   H413   sing N N 229 
E97 C42   H421   sing N N 230 
E97 C42   H422   sing N N 231 
E97 C42   H423   sing N N 232 
E97 C43   H431   sing N N 233 
E97 C43   H432   sing N N 234 
E97 C43   H433   sing N N 235 
E97 C44   H441   sing N N 236 
E97 C44   H442   sing N N 237 
E97 C44   H443   sing N N 238 
HOH O     H1     sing N N 239 
HOH O     H2     sing N N 240 
# 
loop_
_ndb_struct_conf_na.entry_id 
_ndb_struct_conf_na.feature 
1FTD 'double helix'        
1FTD 'b-form double helix' 
# 
loop_
_ndb_struct_na_base_pair.model_number 
_ndb_struct_na_base_pair.i_label_asym_id 
_ndb_struct_na_base_pair.i_label_comp_id 
_ndb_struct_na_base_pair.i_label_seq_id 
_ndb_struct_na_base_pair.i_symmetry 
_ndb_struct_na_base_pair.j_label_asym_id 
_ndb_struct_na_base_pair.j_label_comp_id 
_ndb_struct_na_base_pair.j_label_seq_id 
_ndb_struct_na_base_pair.j_symmetry 
_ndb_struct_na_base_pair.shear 
_ndb_struct_na_base_pair.stretch 
_ndb_struct_na_base_pair.stagger 
_ndb_struct_na_base_pair.buckle 
_ndb_struct_na_base_pair.propeller 
_ndb_struct_na_base_pair.opening 
_ndb_struct_na_base_pair.pair_number 
_ndb_struct_na_base_pair.pair_name 
_ndb_struct_na_base_pair.i_auth_asym_id 
_ndb_struct_na_base_pair.i_auth_seq_id 
_ndb_struct_na_base_pair.i_PDB_ins_code 
_ndb_struct_na_base_pair.j_auth_asym_id 
_ndb_struct_na_base_pair.j_auth_seq_id 
_ndb_struct_na_base_pair.j_PDB_ins_code 
_ndb_struct_na_base_pair.hbond_type_28 
_ndb_struct_na_base_pair.hbond_type_12 
1 A DC 1  1_555 B DG 12 1_555 0.269  -0.096 0.158  3.383   -15.388 -1.157 1  A_DC1:DG24_B  A 1  ? B 24 ? 19 1 
1 A DG 2  1_555 B DC 11 1_555 -0.229 -0.199 0.597  11.566  -11.224 -4.591 2  A_DG2:DC23_B  A 2  ? B 23 ? 19 1 
1 A DC 3  1_555 B DG 10 1_555 0.203  -0.110 0.338  0.887   -5.843  0.650  3  A_DC3:DG22_B  A 3  ? B 22 ? 19 1 
1 A DG 4  1_555 B DC 9  1_555 -0.239 -0.040 0.129  15.648  -9.481  -3.777 4  A_DG4:DC21_B  A 4  ? B 21 ? 19 1 
1 A DA 5  1_555 B DT 8  1_555 0.111  -0.117 -0.077 9.160   -18.889 3.302  5  A_DA5:DT20_B  A 5  ? B 20 ? 20 1 
1 A DA 6  1_555 B DT 7  1_555 0.272  -0.180 0.070  -0.176  -14.949 6.046  6  A_DA6:DT19_B  A 6  ? B 19 ? 20 1 
1 A DT 7  1_555 B DA 6  1_555 -0.243 -0.075 0.203  -5.053  -16.110 4.866  7  A_DT7:DA18_B  A 7  ? B 18 ? 20 1 
1 A DT 8  1_555 B DA 5  1_555 -0.334 -0.151 -0.057 -0.024  -10.465 2.625  8  A_DT8:DA17_B  A 8  ? B 17 ? 20 1 
1 A DC 9  1_555 B DG 4  1_555 0.330  -0.103 0.148  -12.949 -8.382  -0.729 9  A_DC9:DG16_B  A 9  ? B 16 ? 19 1 
1 A DG 10 1_555 B DC 3  1_555 -0.017 -0.139 0.400  6.701   -6.699  -0.144 10 A_DG10:DC15_B A 10 ? B 15 ? 19 1 
1 A DC 11 1_555 B DG 2  1_555 -0.091 -0.371 0.423  4.748   -24.610 -8.330 11 A_DC11:DG14_B A 11 ? B 14 ? 19 1 
1 A DG 12 1_555 B DC 1  1_555 -0.218 -0.153 -0.293 -2.441  -8.712  -5.281 12 A_DG12:DC13_B A 12 ? B 13 ? 19 1 
# 
loop_
_ndb_struct_na_base_pair_step.model_number 
_ndb_struct_na_base_pair_step.i_label_asym_id_1 
_ndb_struct_na_base_pair_step.i_label_comp_id_1 
_ndb_struct_na_base_pair_step.i_label_seq_id_1 
_ndb_struct_na_base_pair_step.i_symmetry_1 
_ndb_struct_na_base_pair_step.j_label_asym_id_1 
_ndb_struct_na_base_pair_step.j_label_comp_id_1 
_ndb_struct_na_base_pair_step.j_label_seq_id_1 
_ndb_struct_na_base_pair_step.j_symmetry_1 
_ndb_struct_na_base_pair_step.i_label_asym_id_2 
_ndb_struct_na_base_pair_step.i_label_comp_id_2 
_ndb_struct_na_base_pair_step.i_label_seq_id_2 
_ndb_struct_na_base_pair_step.i_symmetry_2 
_ndb_struct_na_base_pair_step.j_label_asym_id_2 
_ndb_struct_na_base_pair_step.j_label_comp_id_2 
_ndb_struct_na_base_pair_step.j_label_seq_id_2 
_ndb_struct_na_base_pair_step.j_symmetry_2 
_ndb_struct_na_base_pair_step.shift 
_ndb_struct_na_base_pair_step.slide 
_ndb_struct_na_base_pair_step.rise 
_ndb_struct_na_base_pair_step.tilt 
_ndb_struct_na_base_pair_step.roll 
_ndb_struct_na_base_pair_step.twist 
_ndb_struct_na_base_pair_step.x_displacement 
_ndb_struct_na_base_pair_step.y_displacement 
_ndb_struct_na_base_pair_step.helical_rise 
_ndb_struct_na_base_pair_step.inclination 
_ndb_struct_na_base_pair_step.tip 
_ndb_struct_na_base_pair_step.helical_twist 
_ndb_struct_na_base_pair_step.step_number 
_ndb_struct_na_base_pair_step.step_name 
_ndb_struct_na_base_pair_step.i_auth_asym_id_1 
_ndb_struct_na_base_pair_step.i_auth_seq_id_1 
_ndb_struct_na_base_pair_step.i_PDB_ins_code_1 
_ndb_struct_na_base_pair_step.j_auth_asym_id_1 
_ndb_struct_na_base_pair_step.j_auth_seq_id_1 
_ndb_struct_na_base_pair_step.j_PDB_ins_code_1 
_ndb_struct_na_base_pair_step.i_auth_asym_id_2 
_ndb_struct_na_base_pair_step.i_auth_seq_id_2 
_ndb_struct_na_base_pair_step.i_PDB_ins_code_2 
_ndb_struct_na_base_pair_step.j_auth_asym_id_2 
_ndb_struct_na_base_pair_step.j_auth_seq_id_2 
_ndb_struct_na_base_pair_step.j_PDB_ins_code_2 
1 A DC 1  1_555 B DG 12 1_555 A DG 2  1_555 B DC 11 1_555 -0.232 -0.044 3.117 -5.104 3.403   34.313 -0.569 -0.355 3.100 5.711   
8.566   34.841 1  AA_DC1DG2:DC23DG24_BB   A 1  ? B 24 ? A 2  ? B 23 ? 
1 A DG 2  1_555 B DC 11 1_555 A DC 3  1_555 B DG 10 1_555 0.783  0.465  3.649 3.944  -8.724  41.838 1.603  -0.634 3.543 -12.029 
-5.438  42.872 2  AA_DG2DC3:DG22DC23_BB   A 2  ? B 23 ? A 3  ? B 22 ? 
1 A DC 3  1_555 B DG 10 1_555 A DG 4  1_555 B DC 9  1_555 -0.349 0.637  3.057 3.301  10.983  25.774 -1.183 1.466  3.006 23.214  
-6.976  28.171 3  AA_DC3DG4:DC21DG22_BB   A 3  ? B 22 ? A 4  ? B 21 ? 
1 A DG 4  1_555 B DC 9  1_555 A DA 5  1_555 B DT 8  1_555 0.109  0.067  3.447 2.044  0.926   40.599 -0.011 0.082  3.449 1.334   
-2.943  40.659 4  AA_DG4DA5:DT20DC21_BB   A 4  ? B 21 ? A 5  ? B 20 ? 
1 A DA 5  1_555 B DT 8  1_555 A DA 6  1_555 B DT 7  1_555 0.090  -0.370 3.384 -1.308 2.473   35.894 -0.960 -0.337 3.346 4.006   
2.118   35.999 5  AA_DA5DA6:DT19DT20_BB   A 5  ? B 20 ? A 6  ? B 19 ? 
1 A DA 6  1_555 B DT 7  1_555 A DT 7  1_555 B DA 6  1_555 0.062  -0.624 3.233 0.070  0.513   29.183 -1.348 -0.108 3.221 1.019   
-0.139  29.187 6  AA_DA6DT7:DA18DT19_BB   A 6  ? B 19 ? A 7  ? B 18 ? 
1 A DT 7  1_555 B DA 6  1_555 A DT 8  1_555 B DA 5  1_555 -0.090 -0.315 3.065 1.522  -1.145  33.967 -0.367 0.381  3.067 -1.958  
-2.602  34.019 7  AA_DT7DT8:DA17DA18_BB   A 7  ? B 18 ? A 8  ? B 17 ? 
1 A DT 8  1_555 B DA 5  1_555 A DC 9  1_555 B DG 4  1_555 -0.084 -0.167 3.583 1.085  -3.431  43.414 0.137  0.228  3.582 -4.628  
-1.464  43.556 8  AA_DT8DC9:DG16DA17_BB   A 8  ? B 17 ? A 9  ? B 16 ? 
1 A DC 9  1_555 B DG 4  1_555 A DG 10 1_555 B DC 3  1_555 0.498  0.937  3.040 -2.739 7.692   27.257 0.209  -1.619 3.119 15.877  
5.654   28.431 9  AA_DC9DG10:DC15DG16_BB  A 9  ? B 16 ? A 10 ? B 15 ? 
1 A DG 10 1_555 B DC 3  1_555 A DC 11 1_555 B DG 2  1_555 -1.328 0.521  3.452 -4.126 -14.201 39.876 2.242  1.393  3.209 -20.007 
5.813   42.425 10 AA_DG10DC11:DG14DC15_BB A 10 ? B 15 ? A 11 ? B 14 ? 
1 A DC 11 1_555 B DG 2  1_555 A DG 12 1_555 B DC 1  1_555 0.499  0.441  3.552 6.745  3.654   35.516 0.142  0.243  3.609 5.906   
-10.901 36.309 11 AA_DC11DG12:DC13DG14_BB A 11 ? B 14 ? A 12 ? B 13 ? 
# 
_atom_sites.entry_id                    1FTD 
_atom_sites.fract_transf_matrix[1][1]   -0.01128869 
_atom_sites.fract_transf_matrix[1][2]   -0.02828019 
_atom_sites.fract_transf_matrix[1][3]   -0.02558065 
_atom_sites.fract_transf_matrix[2][1]   -0.00125600 
_atom_sites.fract_transf_matrix[2][2]   -0.01649533 
_atom_sites.fract_transf_matrix[2][3]   0.01879036 
_atom_sites.fract_transf_matrix[3][1]   -0.01458641 
_atom_sites.fract_transf_matrix[3][2]   0.00373701 
_atom_sites.fract_transf_matrix[3][3]   0.00230558 
_atom_sites.fract_transf_vector[1]      0.576450 
_atom_sites.fract_transf_vector[2]      0.517327 
_atom_sites.fract_transf_vector[3]      0.133949 
# 
loop_
_atom_type.symbol 
C  
MG 
N  
O  
P  
# 
loop_
_atom_site.group_PDB 
_atom_site.id 
_atom_site.type_symbol 
_atom_site.label_atom_id 
_atom_site.label_alt_id 
_atom_site.label_comp_id 
_atom_site.label_asym_id 
_atom_site.label_entity_id 
_atom_site.label_seq_id 
_atom_site.pdbx_PDB_ins_code 
_atom_site.Cartn_x 
_atom_site.Cartn_y 
_atom_site.Cartn_z 
_atom_site.occupancy 
_atom_site.B_iso_or_equiv 
_atom_site.pdbx_formal_charge 
_atom_site.auth_seq_id 
_atom_site.auth_comp_id 
_atom_site.auth_asym_id 
_atom_site.auth_atom_id 
_atom_site.pdbx_PDB_model_num 
ATOM   1   O  "O5'" . DC  A 1 1  ? -17.002 -7.226  9.453   1.00 33.61 ? 1   DC  A "O5'" 1 
ATOM   2   C  "C5'" . DC  A 1 1  ? -16.625 -8.340  8.646   1.00 27.33 ? 1   DC  A "C5'" 1 
ATOM   3   C  "C4'" . DC  A 1 1  ? -16.786 -8.017  7.179   1.00 15.80 ? 1   DC  A "C4'" 1 
ATOM   4   O  "O4'" . DC  A 1 1  ? -16.998 -6.600  6.984   1.00 19.23 ? 1   DC  A "O4'" 1 
ATOM   5   C  "C3'" . DC  A 1 1  ? -15.569 -8.371  6.331   1.00 22.18 ? 1   DC  A "C3'" 1 
ATOM   6   O  "O3'" . DC  A 1 1  ? -15.968 -8.948  5.096   1.00 34.54 ? 1   DC  A "O3'" 1 
ATOM   7   C  "C2'" . DC  A 1 1  ? -14.863 -7.045  6.165   1.00 15.12 ? 1   DC  A "C2'" 1 
ATOM   8   C  "C1'" . DC  A 1 1  ? -16.054 -6.101  6.033   1.00 16.44 ? 1   DC  A "C1'" 1 
ATOM   9   N  N1    . DC  A 1 1  ? -15.987 -4.675  6.432   1.00 17.24 ? 1   DC  A N1    1 
ATOM   10  C  C2    . DC  A 1 1  ? -16.569 -3.733  5.587   1.00 16.11 ? 1   DC  A C2    1 
ATOM   11  O  O2    . DC  A 1 1  ? -17.125 -4.079  4.537   1.00 19.96 ? 1   DC  A O2    1 
ATOM   12  N  N3    . DC  A 1 1  ? -16.536 -2.419  5.909   1.00 17.11 ? 1   DC  A N3    1 
ATOM   13  C  C4    . DC  A 1 1  ? -15.938 -2.061  7.039   1.00 14.57 ? 1   DC  A C4    1 
ATOM   14  N  N4    . DC  A 1 1  ? -15.933 -0.756  7.306   1.00 14.87 ? 1   DC  A N4    1 
ATOM   15  C  C5    . DC  A 1 1  ? -15.333 -2.997  7.919   1.00 10.77 ? 1   DC  A C5    1 
ATOM   16  C  C6    . DC  A 1 1  ? -15.373 -4.289  7.597   1.00 17.06 ? 1   DC  A C6    1 
ATOM   17  P  P     . DG  A 1 2  ? -14.894 -9.717  4.177   1.00 30.29 ? 2   DG  A P     1 
ATOM   18  O  OP1   . DG  A 1 2  ? -15.466 -11.007 3.708   1.00 42.63 ? 2   DG  A OP1   1 
ATOM   19  O  OP2   . DG  A 1 2  ? -13.580 -9.731  4.870   1.00 27.35 ? 2   DG  A OP2   1 
ATOM   20  O  "O5'" . DG  A 1 2  ? -14.767 -8.762  2.913   1.00 24.11 ? 2   DG  A "O5'" 1 
ATOM   21  C  "C5'" . DG  A 1 2  ? -15.941 -8.221  2.298   1.00 29.75 ? 2   DG  A "C5'" 1 
ATOM   22  C  "C4'" . DG  A 1 2  ? -15.516 -7.375  1.121   1.00 26.43 ? 2   DG  A "C4'" 1 
ATOM   23  O  "O4'" . DG  A 1 2  ? -15.414 -5.990  1.517   1.00 18.95 ? 2   DG  A "O4'" 1 
ATOM   24  C  "C3'" . DG  A 1 2  ? -14.151 -7.741  0.534   1.00 26.10 ? 2   DG  A "C3'" 1 
ATOM   25  O  "O3'" . DG  A 1 2  ? -14.172 -7.632  -0.875  1.00 34.07 ? 2   DG  A "O3'" 1 
ATOM   26  C  "C2'" . DG  A 1 2  ? -13.218 -6.751  1.189   1.00 23.11 ? 2   DG  A "C2'" 1 
ATOM   27  C  "C1'" . DG  A 1 2  ? -14.091 -5.510  1.286   1.00 19.16 ? 2   DG  A "C1'" 1 
ATOM   28  N  N9    . DG  A 1 2  ? -13.797 -4.636  2.391   1.00 18.44 ? 2   DG  A N9    1 
ATOM   29  C  C8    . DG  A 1 2  ? -13.219 -4.879  3.612   1.00 18.42 ? 2   DG  A C8    1 
ATOM   30  N  N7    . DG  A 1 2  ? -13.118 -3.813  4.365   1.00 20.39 ? 2   DG  A N7    1 
ATOM   31  C  C5    . DG  A 1 2  ? -13.665 -2.793  3.594   1.00 13.84 ? 2   DG  A C5    1 
ATOM   32  C  C6    . DG  A 1 2  ? -13.828 -1.420  3.885   1.00 8.80  ? 2   DG  A C6    1 
ATOM   33  O  O6    . DG  A 1 2  ? -13.525 -0.778  4.898   1.00 20.84 ? 2   DG  A O6    1 
ATOM   34  N  N1    . DG  A 1 2  ? -14.427 -0.735  2.829   1.00 11.81 ? 2   DG  A N1    1 
ATOM   35  C  C2    . DG  A 1 2  ? -14.814 -1.320  1.649   1.00 15.66 ? 2   DG  A C2    1 
ATOM   36  N  N2    . DG  A 1 2  ? -15.375 -0.488  0.756   1.00 25.02 ? 2   DG  A N2    1 
ATOM   37  N  N3    . DG  A 1 2  ? -14.667 -2.602  1.364   1.00 16.50 ? 2   DG  A N3    1 
ATOM   38  C  C4    . DG  A 1 2  ? -14.089 -3.286  2.374   1.00 20.21 ? 2   DG  A C4    1 
ATOM   39  P  P     . DC  A 1 3  ? -13.057 -8.195  -1.882  1.00 25.86 ? 3   DC  A P     1 
ATOM   40  O  OP1   . DC  A 1 3  ? -13.651 -9.253  -2.738  1.00 24.44 ? 3   DC  A OP1   1 
ATOM   41  O  OP2   . DC  A 1 3  ? -11.781 -8.492  -1.171  1.00 44.63 ? 3   DC  A OP2   1 
ATOM   42  O  "O5'" . DC  A 1 3  ? -12.772 -6.901  -2.791  1.00 33.43 ? 3   DC  A "O5'" 1 
ATOM   43  C  "C5'" . DC  A 1 3  ? -13.843 -6.084  -3.250  1.00 25.82 ? 3   DC  A "C5'" 1 
ATOM   44  C  "C4'" . DC  A 1 3  ? -13.434 -4.634  -3.322  1.00 27.29 ? 3   DC  A "C4'" 1 
ATOM   45  O  "O4'" . DC  A 1 3  ? -13.288 -4.072  -1.997  1.00 25.26 ? 3   DC  A "O4'" 1 
ATOM   46  C  "C3'" . DC  A 1 3  ? -12.084 -4.362  -3.972  1.00 25.21 ? 3   DC  A "C3'" 1 
ATOM   47  O  "O3'" . DC  A 1 3  ? -12.216 -4.241  -5.382  1.00 35.86 ? 3   DC  A "O3'" 1 
ATOM   48  C  "C2'" . DC  A 1 3  ? -11.614 -3.074  -3.345  1.00 29.35 ? 3   DC  A "C2'" 1 
ATOM   49  C  "C1'" . DC  A 1 3  ? -12.430 -2.938  -2.074  1.00 23.13 ? 3   DC  A "C1'" 1 
ATOM   50  N  N1    . DC  A 1 3  ? -11.748 -3.007  -0.750  1.00 19.22 ? 3   DC  A N1    1 
ATOM   51  C  C2    . DC  A 1 3  ? -11.696 -1.830  -0.002  1.00 24.52 ? 3   DC  A C2    1 
ATOM   52  O  O2    . DC  A 1 3  ? -12.217 -0.803  -0.468  1.00 29.17 ? 3   DC  A O2    1 
ATOM   53  N  N3    . DC  A 1 3  ? -11.088 -1.851  1.201   1.00 19.33 ? 3   DC  A N3    1 
ATOM   54  C  C4    . DC  A 1 3  ? -10.538 -2.970  1.678   1.00 19.42 ? 3   DC  A C4    1 
ATOM   55  N  N4    . DC  A 1 3  ? -9.943  -2.927  2.886   1.00 16.29 ? 3   DC  A N4    1 
ATOM   56  C  C5    . DC  A 1 3  ? -10.574 -4.178  0.932   1.00 16.08 ? 3   DC  A C5    1 
ATOM   57  C  C6    . DC  A 1 3  ? -11.183 -4.151  -0.264  1.00 15.04 ? 3   DC  A C6    1 
ATOM   58  P  P     . DG  A 1 4  ? -10.903 -4.121  -6.304  1.00 34.88 ? 4   DG  A P     1 
ATOM   59  O  OP1   . DG  A 1 4  ? -11.291 -4.497  -7.696  1.00 42.03 ? 4   DG  A OP1   1 
ATOM   60  O  OP2   . DG  A 1 4  ? -9.759  -4.837  -5.675  1.00 21.98 ? 4   DG  A OP2   1 
ATOM   61  O  "O5'" . DG  A 1 4  ? -10.558 -2.575  -6.287  1.00 22.53 ? 4   DG  A "O5'" 1 
ATOM   62  C  "C5'" . DG  A 1 4  ? -11.496 -1.530  -6.525  1.00 31.27 ? 4   DG  A "C5'" 1 
ATOM   63  C  "C4'" . DG  A 1 4  ? -10.862 -0.194  -6.204  1.00 39.96 ? 4   DG  A "C4'" 1 
ATOM   64  O  "O4'" . DG  A 1 4  ? -10.570 -0.111  -4.786  1.00 37.27 ? 4   DG  A "O4'" 1 
ATOM   65  C  "C3'" . DG  A 1 4  ? -9.537  0.081   -6.915  1.00 39.02 ? 4   DG  A "C3'" 1 
ATOM   66  O  "O3'" . DG  A 1 4  ? -9.459  1.437   -7.321  1.00 39.00 ? 4   DG  A "O3'" 1 
ATOM   67  C  "C2'" . DG  A 1 4  ? -8.496  -0.284  -5.884  1.00 31.20 ? 4   DG  A "C2'" 1 
ATOM   68  C  "C1'" . DG  A 1 4  ? -9.180  0.125   -4.591  1.00 29.66 ? 4   DG  A "C1'" 1 
ATOM   69  N  N9    . DG  A 1 4  ? -8.799  -0.663  -3.450  1.00 22.13 ? 4   DG  A N9    1 
ATOM   70  C  C8    . DG  A 1 4  ? -8.465  -1.986  -3.302  1.00 17.00 ? 4   DG  A C8    1 
ATOM   71  N  N7    . DG  A 1 4  ? -8.180  -2.297  -2.077  1.00 19.07 ? 4   DG  A N7    1 
ATOM   72  C  C5    . DG  A 1 4  ? -8.330  -1.116  -1.363  1.00 12.19 ? 4   DG  A C5    1 
ATOM   73  C  C6    . DG  A 1 4  ? -8.160  -0.828  0.014   1.00 18.12 ? 4   DG  A C6    1 
ATOM   74  O  O6    . DG  A 1 4  ? -7.821  -1.604  0.925   1.00 24.86 ? 4   DG  A O6    1 
ATOM   75  N  N1    . DG  A 1 4  ? -8.427  0.512   0.284   1.00 20.38 ? 4   DG  A N1    1 
ATOM   76  C  C2    . DG  A 1 4  ? -8.805  1.455   -0.635  1.00 24.27 ? 4   DG  A C2    1 
ATOM   77  N  N2    . DG  A 1 4  ? -9.021  2.704   -0.198  1.00 21.75 ? 4   DG  A N2    1 
ATOM   78  N  N3    . DG  A 1 4  ? -8.969  1.200   -1.921  1.00 15.83 ? 4   DG  A N3    1 
ATOM   79  C  C4    . DG  A 1 4  ? -8.715  -0.097  -2.202  1.00 14.71 ? 4   DG  A C4    1 
ATOM   80  P  P     . DA  A 1 5  ? -8.194  2.043   -8.106  1.00 32.43 ? 5   DA  A P     1 
ATOM   81  O  OP1   . DA  A 1 5  ? -8.644  2.792   -9.304  1.00 36.74 ? 5   DA  A OP1   1 
ATOM   82  O  OP2   . DA  A 1 5  ? -7.116  1.028   -8.227  1.00 32.48 ? 5   DA  A OP2   1 
ATOM   83  O  "O5'" . DA  A 1 5  ? -7.664  3.135   -7.053  1.00 21.57 ? 5   DA  A "O5'" 1 
ATOM   84  C  "C5'" . DA  A 1 5  ? -8.605  4.075   -6.538  1.00 25.72 ? 5   DA  A "C5'" 1 
ATOM   85  C  "C4'" . DA  A 1 5  ? -8.017  4.892   -5.418  1.00 22.85 ? 5   DA  A "C4'" 1 
ATOM   86  O  "O4'" . DA  A 1 5  ? -7.661  4.058   -4.287  1.00 24.44 ? 5   DA  A "O4'" 1 
ATOM   87  C  "C3'" . DA  A 1 5  ? -6.730  5.627   -5.796  1.00 23.35 ? 5   DA  A "C3'" 1 
ATOM   88  O  "O3'" . DA  A 1 5  ? -6.738  6.916   -5.209  1.00 26.15 ? 5   DA  A "O3'" 1 
ATOM   89  C  "C2'" . DA  A 1 5  ? -5.627  4.748   -5.268  1.00 17.71 ? 5   DA  A "C2'" 1 
ATOM   90  C  "C1'" . DA  A 1 5  ? -6.265  4.172   -4.010  1.00 24.43 ? 5   DA  A "C1'" 1 
ATOM   91  N  N9    . DA  A 1 5  ? -5.890  2.744   -3.426  1.00 14.50 ? 5   DA  A N9    1 
ATOM   92  C  C8    . DA  A 1 5  ? -5.726  1.637   -4.236  1.00 14.57 ? 5   DA  A C8    1 
ATOM   93  N  N7    . DA  A 1 5  ? -5.417  0.537   -3.588  1.00 18.66 ? 5   DA  A N7    1 
ATOM   94  C  C5    . DA  A 1 5  ? -5.372  0.943   -2.262  1.00 17.17 ? 5   DA  A C5    1 
ATOM   95  C  C6    . DA  A 1 5  ? -5.099  0.249   -1.079  1.00 12.11 ? 5   DA  A C6    1 
ATOM   96  N  N6    . DA  A 1 5  ? -4.805  -1.053  -1.037  1.00 16.94 ? 5   DA  A N6    1 
ATOM   97  N  N1    . DA  A 1 5  ? -5.137  0.953   0.076   1.00 12.85 ? 5   DA  A N1    1 
ATOM   98  C  C2    . DA  A 1 5  ? -5.430  2.255   0.032   1.00 18.14 ? 5   DA  A C2    1 
ATOM   99  N  N3    . DA  A 1 5  ? -5.707  3.027   -1.016  1.00 20.99 ? 5   DA  A N3    1 
ATOM   100 C  C4    . DA  A 1 5  ? -5.660  2.296   -2.145  1.00 24.59 ? 5   DA  A C4    1 
ATOM   101 P  P     . DA  A 1 6  ? -5.475  7.886   -5.320  1.00 25.16 ? 6   DA  A P     1 
ATOM   102 O  OP1   . DA  A 1 6  ? -5.988  9.290   -5.138  1.00 19.42 ? 6   DA  A OP1   1 
ATOM   103 O  OP2   . DA  A 1 6  ? -4.666  7.537   -6.509  1.00 25.41 ? 6   DA  A OP2   1 
ATOM   104 O  "O5'" . DA  A 1 6  ? -4.597  7.602   -4.011  1.00 16.63 ? 6   DA  A "O5'" 1 
ATOM   105 C  "C5'" . DA  A 1 6  ? -5.165  7.860   -2.727  1.00 17.69 ? 6   DA  A "C5'" 1 
ATOM   106 C  "C4'" . DA  A 1 6  ? -4.151  7.622   -1.632  1.00 19.64 ? 6   DA  A "C4'" 1 
ATOM   107 O  "O4'" . DA  A 1 6  ? -3.923  6.212   -1.428  1.00 18.87 ? 6   DA  A "O4'" 1 
ATOM   108 C  "C3'" . DA  A 1 6  ? -2.787  8.244   -1.942  1.00 15.11 ? 6   DA  A "C3'" 1 
ATOM   109 O  "O3'" . DA  A 1 6  ? -2.480  9.195   -0.928  1.00 11.34 ? 6   DA  A "O3'" 1 
ATOM   110 C  "C2'" . DA  A 1 6  ? -1.819  7.093   -1.993  1.00 25.79 ? 6   DA  A "C2'" 1 
ATOM   111 C  "C1'" . DA  A 1 6  ? -2.530  5.955   -1.288  1.00 25.19 ? 6   DA  A "C1'" 1 
ATOM   112 N  N9    . DA  A 1 6  ? -2.386  4.424   -1.732  1.00 15.91 ? 6   DA  A N9    1 
ATOM   113 C  C8    . DA  A 1 6  ? -2.543  3.995   -3.029  1.00 20.62 ? 6   DA  A C8    1 
ATOM   114 N  N7    . DA  A 1 6  ? -2.385  2.695   -3.188  1.00 25.83 ? 6   DA  A N7    1 
ATOM   115 C  C5    . DA  A 1 6  ? -2.105  2.243   -1.904  1.00 21.71 ? 6   DA  A C5    1 
ATOM   116 C  C6    . DA  A 1 6  ? -1.836  0.963   -1.388  1.00 26.75 ? 6   DA  A C6    1 
ATOM   117 N  N6    . DA  A 1 6  ? -1.801  -0.147  -2.122  1.00 19.30 ? 6   DA  A N6    1 
ATOM   118 N  N1    . DA  A 1 6  ? -1.599  0.854   -0.063  1.00 17.48 ? 6   DA  A N1    1 
ATOM   119 C  C2    . DA  A 1 6  ? -1.632  1.962   0.676   1.00 21.00 ? 6   DA  A C2    1 
ATOM   120 N  N3    . DA  A 1 6  ? -1.872  3.217   0.320   1.00 15.95 ? 6   DA  A N3    1 
ATOM   121 C  C4    . DA  A 1 6  ? -2.103  3.289   -1.004  1.00 18.32 ? 6   DA  A C4    1 
ATOM   122 P  P     . DT  A 1 7  ? -0.995  9.802   -0.760  1.00 16.74 ? 7   DT  A P     1 
ATOM   123 O  OP1   . DT  A 1 7  ? -1.076  11.076  -0.024  1.00 14.01 ? 7   DT  A OP1   1 
ATOM   124 O  OP2   . DT  A 1 7  ? -0.350  9.821   -2.120  1.00 17.80 ? 7   DT  A OP2   1 
ATOM   125 O  "O5'" . DT  A 1 7  ? -0.212  8.698   0.087   1.00 25.15 ? 7   DT  A "O5'" 1 
ATOM   126 C  "C5'" . DT  A 1 7  ? -0.613  8.294   1.394   1.00 18.53 ? 7   DT  A "C5'" 1 
ATOM   127 C  "C4'" . DT  A 1 7  ? 0.251   7.180   1.927   1.00 16.11 ? 7   DT  A "C4'" 1 
ATOM   128 O  "O4'" . DT  A 1 7  ? 0.192   6.041   1.026   1.00 20.39 ? 7   DT  A "O4'" 1 
ATOM   129 C  "C3'" . DT  A 1 7  ? 1.736   7.505   2.070   1.00 21.54 ? 7   DT  A "C3'" 1 
ATOM   130 O  "O3'" . DT  A 1 7  ? 2.108   7.620   3.448   1.00 18.18 ? 7   DT  A "O3'" 1 
ATOM   131 C  "C2'" . DT  A 1 7  ? 2.466   6.370   1.398   1.00 14.90 ? 7   DT  A "C2'" 1 
ATOM   132 C  "C1'" . DT  A 1 7  ? 1.404   5.309   1.204   1.00 17.21 ? 7   DT  A "C1'" 1 
ATOM   133 N  N1    . DT  A 1 7  ? 1.338   4.354   -0.013  1.00 17.45 ? 7   DT  A N1    1 
ATOM   134 C  C2    . DT  A 1 7  ? 1.544   3.026   0.283   1.00 17.04 ? 7   DT  A C2    1 
ATOM   135 O  O2    . DT  A 1 7  ? 1.753   2.619   1.408   1.00 20.09 ? 7   DT  A O2    1 
ATOM   136 N  N3    . DT  A 1 7  ? 1.490   2.190   -0.793  1.00 8.93  ? 7   DT  A N3    1 
ATOM   137 C  C4    . DT  A 1 7  ? 1.257   2.505   -2.115  1.00 16.63 ? 7   DT  A C4    1 
ATOM   138 O  O4    . DT  A 1 7  ? 1.240   1.618   -2.970  1.00 26.21 ? 7   DT  A O4    1 
ATOM   139 C  C5    . DT  A 1 7  ? 1.057   3.914   -2.354  1.00 11.38 ? 7   DT  A C5    1 
ATOM   140 C  C7    . DT  A 1 7  ? 0.800   4.377   -3.749  1.00 8.40  ? 7   DT  A C7    1 
ATOM   141 C  C6    . DT  A 1 7  ? 1.108   4.749   -1.307  1.00 7.63  ? 7   DT  A C6    1 
ATOM   142 P  P     . DT  A 1 8  ? 3.647   7.997   3.780   1.00 24.70 ? 8   DT  A P     1 
ATOM   143 O  OP1   . DT  A 1 8  ? 3.682   8.761   5.047   1.00 20.74 ? 8   DT  A OP1   1 
ATOM   144 O  OP2   . DT  A 1 8  ? 4.253   8.593   2.557   1.00 19.99 ? 8   DT  A OP2   1 
ATOM   145 O  "O5'" . DT  A 1 8  ? 4.357   6.584   3.998   1.00 28.47 ? 8   DT  A "O5'" 1 
ATOM   146 C  "C5'" . DT  A 1 8  ? 3.692   5.564   4.738   1.00 27.15 ? 8   DT  A "C5'" 1 
ATOM   147 C  "C4'" . DT  A 1 8  ? 4.449   4.258   4.684   1.00 29.45 ? 8   DT  A "C4'" 1 
ATOM   148 O  "O4'" . DT  A 1 8  ? 4.251   3.634   3.391   1.00 23.29 ? 8   DT  A "O4'" 1 
ATOM   149 C  "C3'" . DT  A 1 8  ? 5.959   4.390   4.878   1.00 24.92 ? 8   DT  A "C3'" 1 
ATOM   150 O  "O3'" . DT  A 1 8  ? 6.402   3.591   5.974   1.00 32.22 ? 8   DT  A "O3'" 1 
ATOM   151 C  "C2'" . DT  A 1 8  ? 6.566   3.933   3.577   1.00 15.75 ? 8   DT  A "C2'" 1 
ATOM   152 C  "C1'" . DT  A 1 8  ? 5.486   3.054   2.980   1.00 17.30 ? 8   DT  A "C1'" 1 
ATOM   153 N  N1    . DT  A 1 8  ? 5.216   2.925   1.467   1.00 27.24 ? 8   DT  A N1    1 
ATOM   154 C  C2    . DT  A 1 8  ? 5.123   1.618   1.045   1.00 20.31 ? 8   DT  A C2    1 
ATOM   155 O  O2    . DT  A 1 8  ? 5.247   0.691   1.824   1.00 23.01 ? 8   DT  A O2    1 
ATOM   156 N  N3    . DT  A 1 8  ? 4.882   1.480   -0.293  1.00 17.87 ? 8   DT  A N3    1 
ATOM   157 C  C4    . DT  A 1 8  ? 4.729   2.474   -1.240  1.00 19.16 ? 8   DT  A C4    1 
ATOM   158 O  O4    . DT  A 1 8  ? 4.516   2.151   -2.412  1.00 26.65 ? 8   DT  A O4    1 
ATOM   159 C  C5    . DT  A 1 8  ? 4.840   3.816   -0.729  1.00 20.77 ? 8   DT  A C5    1 
ATOM   160 C  C7    . DT  A 1 8  ? 4.690   4.978   -1.664  1.00 10.98 ? 8   DT  A C7    1 
ATOM   161 C  C6    . DT  A 1 8  ? 5.074   3.972   0.583   1.00 29.06 ? 8   DT  A C6    1 
ATOM   162 P  P     . DC  A 1 9  ? 7.973   3.464   6.336   1.00 26.96 ? 9   DC  A P     1 
ATOM   163 O  OP1   . DC  A 1 9  ? 8.163   3.587   7.801   1.00 23.92 ? 9   DC  A OP1   1 
ATOM   164 O  OP2   . DC  A 1 9  ? 8.791   4.299   5.410   1.00 19.15 ? 9   DC  A OP2   1 
ATOM   165 O  "O5'" . DC  A 1 9  ? 8.292   1.943   5.941   1.00 26.13 ? 9   DC  A "O5'" 1 
ATOM   166 C  "C5'" . DC  A 1 9  ? 7.261   0.962   5.989   1.00 26.81 ? 9   DC  A "C5'" 1 
ATOM   167 C  "C4'" . DC  A 1 9  ? 7.703   -0.284  5.256   1.00 35.39 ? 9   DC  A "C4'" 1 
ATOM   168 O  "O4'" . DC  A 1 9  ? 7.567   -0.091  3.829   1.00 32.95 ? 9   DC  A "O4'" 1 
ATOM   169 C  "C3'" . DC  A 1 9  ? 9.158   -0.677  5.491   1.00 35.32 ? 9   DC  A "C3'" 1 
ATOM   170 O  "O3'" . DC  A 1 9  ? 9.236   -2.026  5.937   1.00 40.27 ? 9   DC  A "O3'" 1 
ATOM   171 C  "C2'" . DC  A 1 9  ? 9.845   -0.487  4.163   1.00 24.25 ? 9   DC  A "C2'" 1 
ATOM   172 C  "C1'" . DC  A 1 9  ? 8.704   -0.658  3.172   1.00 27.86 ? 9   DC  A "C1'" 1 
ATOM   173 N  N1    . DC  A 1 9  ? 8.623   0.089   1.890   1.00 22.30 ? 9   DC  A N1    1 
ATOM   174 C  C2    . DC  A 1 9  ? 8.463   -0.627  0.702   1.00 26.32 ? 9   DC  A C2    1 
ATOM   175 O  O2    . DC  A 1 9  ? 8.385   -1.870  0.646   1.00 18.62 ? 9   DC  A O2    1 
ATOM   176 N  N3    . DC  A 1 9  ? 8.387   0.058   -0.469  1.00 34.89 ? 9   DC  A N3    1 
ATOM   177 C  C4    . DC  A 1 9  ? 8.465   1.391   -0.469  1.00 28.45 ? 9   DC  A C4    1 
ATOM   178 N  N4    . DC  A 1 9  ? 8.385   2.000   -1.653  1.00 11.01 ? 9   DC  A N4    1 
ATOM   179 C  C5    . DC  A 1 9  ? 8.627   2.140   0.728   1.00 21.98 ? 9   DC  A C5    1 
ATOM   180 C  C6    . DC  A 1 9  ? 8.701   1.461   1.884   1.00 19.34 ? 9   DC  A C6    1 
ATOM   181 P  P     . DG  A 1 10 ? 10.509  -2.536  6.795   1.00 34.16 ? 10  DG  A P     1 
ATOM   182 O  OP1   . DG  A 1 10 ? 10.030  -3.631  7.687   1.00 32.86 ? 10  DG  A OP1   1 
ATOM   183 O  OP2   . DG  A 1 10 ? 11.233  -1.390  7.381   1.00 30.08 ? 10  DG  A OP2   1 
ATOM   184 O  "O5'" . DG  A 1 10 ? 11.434  -3.175  5.650   1.00 32.05 ? 10  DG  A "O5'" 1 
ATOM   185 C  "C5'" . DG  A 1 10 ? 10.969  -4.229  4.813   1.00 30.55 ? 10  DG  A "C5'" 1 
ATOM   186 C  "C4'" . DG  A 1 10 ? 11.862  -4.413  3.611   1.00 29.21 ? 10  DG  A "C4'" 1 
ATOM   187 O  "O4'" . DG  A 1 10 ? 11.596  -3.356  2.637   1.00 31.03 ? 10  DG  A "O4'" 1 
ATOM   188 C  "C3'" . DG  A 1 10 ? 13.361  -4.344  3.868   1.00 29.58 ? 10  DG  A "C3'" 1 
ATOM   189 O  "O3'" . DG  A 1 10 ? 14.074  -5.288  3.100   1.00 40.07 ? 10  DG  A "O3'" 1 
ATOM   190 C  "C2'" . DG  A 1 10 ? 13.718  -2.925  3.460   1.00 35.82 ? 10  DG  A "C2'" 1 
ATOM   191 C  "C1'" . DG  A 1 10 ? 12.856  -2.838  2.195   1.00 32.95 ? 10  DG  A "C1'" 1 
ATOM   192 N  N9    . DG  A 1 10 ? 12.641  -1.525  1.678   1.00 27.00 ? 10  DG  A N9    1 
ATOM   193 C  C8    . DG  A 1 10 ? 12.712  -0.263  2.198   1.00 28.39 ? 10  DG  A C8    1 
ATOM   194 N  N7    . DG  A 1 10 ? 12.422  0.670   1.329   1.00 23.30 ? 10  DG  A N7    1 
ATOM   195 C  C5    . DG  A 1 10 ? 12.140  -0.010  0.159   1.00 21.37 ? 10  DG  A C5    1 
ATOM   196 C  C6    . DG  A 1 10 ? 11.762  0.438   -1.132  1.00 27.67 ? 10  DG  A C6    1 
ATOM   197 O  O6    . DG  A 1 10 ? 11.583  1.590   -1.548  1.00 26.76 ? 10  DG  A O6    1 
ATOM   198 N  N1    . DG  A 1 10 ? 11.579  -0.623  -2.013  1.00 23.54 ? 10  DG  A N1    1 
ATOM   199 C  C2    . DG  A 1 10 ? 11.737  -1.946  -1.708  1.00 20.76 ? 10  DG  A C2    1 
ATOM   200 N  N2    . DG  A 1 10 ? 11.519  -2.828  -2.686  1.00 14.76 ? 10  DG  A N2    1 
ATOM   201 N  N3    . DG  A 1 10 ? 12.088  -2.376  -0.511  1.00 25.60 ? 10  DG  A N3    1 
ATOM   202 C  C4    . DG  A 1 10 ? 12.271  -1.367  0.360   1.00 23.71 ? 10  DG  A C4    1 
ATOM   203 P  P     . DC  A 1 11 ? 14.913  -6.520  3.682   1.00 47.90 ? 11  DC  A P     1 
ATOM   204 O  OP1   . DC  A 1 11 ? 14.205  -7.089  4.866   1.00 57.25 ? 11  DC  A OP1   1 
ATOM   205 O  OP2   . DC  A 1 11 ? 16.347  -6.176  3.841   1.00 35.10 ? 11  DC  A OP2   1 
ATOM   206 O  "O5'" . DC  A 1 11 ? 14.768  -7.585  2.492   1.00 46.90 ? 11  DC  A "O5'" 1 
ATOM   207 C  "C5'" . DC  A 1 11 ? 13.448  -8.027  2.170   1.00 45.18 ? 11  DC  A "C5'" 1 
ATOM   208 C  "C4'" . DC  A 1 11 ? 13.215  -7.982  0.682   1.00 45.18 ? 11  DC  A "C4'" 1 
ATOM   209 O  "O4'" . DC  A 1 11 ? 13.367  -6.624  0.187   1.00 49.86 ? 11  DC  A "O4'" 1 
ATOM   210 C  "C3'" . DC  A 1 11 ? 14.186  -8.811  -0.150  1.00 38.85 ? 11  DC  A "C3'" 1 
ATOM   211 O  "O3'" . DC  A 1 11 ? 13.519  -9.411  -1.241  1.00 36.86 ? 11  DC  A "O3'" 1 
ATOM   212 C  "C2'" . DC  A 1 11 ? 15.219  -7.798  -0.592  1.00 41.58 ? 11  DC  A "C2'" 1 
ATOM   213 C  "C1'" . DC  A 1 11 ? 14.300  -6.614  -0.899  1.00 38.14 ? 11  DC  A "C1'" 1 
ATOM   214 N  N1    . DC  A 1 11 ? 14.749  -5.204  -0.851  1.00 26.90 ? 11  DC  A N1    1 
ATOM   215 C  C2    . DC  A 1 11 ? 14.468  -4.421  -1.976  1.00 24.45 ? 11  DC  A C2    1 
ATOM   216 O  O2    . DC  A 1 11 ? 13.873  -4.929  -2.935  1.00 18.41 ? 11  DC  A O2    1 
ATOM   217 N  N3    . DC  A 1 11 ? 14.848  -3.125  -2.000  1.00 26.75 ? 11  DC  A N3    1 
ATOM   218 C  C4    . DC  A 1 11 ? 15.486  -2.613  -0.947  1.00 28.88 ? 11  DC  A C4    1 
ATOM   219 N  N4    . DC  A 1 11 ? 15.843  -1.328  -1.017  1.00 38.30 ? 11  DC  A N4    1 
ATOM   220 C  C5    . DC  A 1 11 ? 15.785  -3.387  0.211   1.00 25.68 ? 11  DC  A C5    1 
ATOM   221 C  C6    . DC  A 1 11 ? 15.406  -4.668  0.226   1.00 23.40 ? 11  DC  A C6    1 
ATOM   222 P  P     . DG  A 1 12 ? 14.048  -10.782 -1.894  1.00 42.45 ? 12  DG  A P     1 
ATOM   223 O  OP1   . DG  A 1 12 ? 12.901  -11.448 -2.583  1.00 27.08 ? 12  DG  A OP1   1 
ATOM   224 O  OP2   . DG  A 1 12 ? 14.800  -11.551 -0.865  1.00 30.46 ? 12  DG  A OP2   1 
ATOM   225 O  "O5'" . DG  A 1 12 ? 15.060  -10.272 -3.013  1.00 37.76 ? 12  DG  A "O5'" 1 
ATOM   226 C  "C5'" . DG  A 1 12 ? 14.548  -9.783  -4.255  1.00 28.13 ? 12  DG  A "C5'" 1 
ATOM   227 C  "C4'" . DG  A 1 12 ? 15.654  -9.134  -5.053  1.00 26.27 ? 12  DG  A "C4'" 1 
ATOM   228 O  "O4'" . DG  A 1 12 ? 15.890  -7.792  -4.549  1.00 30.41 ? 12  DG  A "O4'" 1 
ATOM   229 C  "C3'" . DG  A 1 12 ? 17.007  -9.834  -4.998  1.00 28.15 ? 12  DG  A "C3'" 1 
ATOM   230 O  "O3'" . DG  A 1 12 ? 17.314  -10.448 -6.247  1.00 26.19 ? 12  DG  A "O3'" 1 
ATOM   231 C  "C2'" . DG  A 1 12 ? 18.015  -8.763  -4.675  1.00 16.69 ? 12  DG  A "C2'" 1 
ATOM   232 C  "C1'" . DG  A 1 12 ? 17.255  -7.466  -4.804  1.00 24.66 ? 12  DG  A "C1'" 1 
ATOM   233 N  N9    . DG  A 1 12 ? 17.621  -6.483  -3.827  1.00 26.38 ? 12  DG  A N9    1 
ATOM   234 C  C8    . DG  A 1 12 ? 18.035  -6.622  -2.522  1.00 20.38 ? 12  DG  A C8    1 
ATOM   235 N  N7    . DG  A 1 12 ? 18.276  -5.472  -1.953  1.00 23.40 ? 12  DG  A N7    1 
ATOM   236 C  C5    . DG  A 1 12 ? 18.007  -4.527  -2.935  1.00 25.26 ? 12  DG  A C5    1 
ATOM   237 C  C6    . DG  A 1 12 ? 18.086  -3.113  -2.908  1.00 24.11 ? 12  DG  A C6    1 
ATOM   238 O  O6    . DG  A 1 12 ? 18.432  -2.411  -1.949  1.00 25.29 ? 12  DG  A O6    1 
ATOM   239 N  N1    . DG  A 1 12 ? 17.723  -2.527  -4.125  1.00 22.77 ? 12  DG  A N1    1 
ATOM   240 C  C2    . DG  A 1 12 ? 17.329  -3.232  -5.238  1.00 25.46 ? 12  DG  A C2    1 
ATOM   241 N  N2    . DG  A 1 12 ? 17.016  -2.507  -6.323  1.00 12.20 ? 12  DG  A N2    1 
ATOM   242 N  N3    . DG  A 1 12 ? 17.252  -4.554  -5.271  1.00 28.05 ? 12  DG  A N3    1 
ATOM   243 C  C4    . DG  A 1 12 ? 17.599  -5.135  -4.104  1.00 26.16 ? 12  DG  A C4    1 
ATOM   244 O  "O5'" . DC  B 1 1  ? 20.293  6.946   -7.192  1.00 56.00 ? 13  DC  B "O5'" 1 
ATOM   245 C  "C5'" . DC  B 1 1  ? 19.684  5.895   -6.437  1.00 32.69 ? 13  DC  B "C5'" 1 
ATOM   246 C  "C4'" . DC  B 1 1  ? 18.903  4.982   -7.354  1.00 38.36 ? 13  DC  B "C4'" 1 
ATOM   247 O  "O4'" . DC  B 1 1  ? 18.945  3.622   -6.859  1.00 38.31 ? 13  DC  B "O4'" 1 
ATOM   248 C  "C3'" . DC  B 1 1  ? 17.429  5.341   -7.477  1.00 37.04 ? 13  DC  B "C3'" 1 
ATOM   249 O  "O3'" . DC  B 1 1  ? 16.943  5.174   -8.810  1.00 49.08 ? 13  DC  B "O3'" 1 
ATOM   250 C  "C2'" . DC  B 1 1  ? 16.745  4.401   -6.515  1.00 36.42 ? 13  DC  B "C2'" 1 
ATOM   251 C  "C1'" . DC  B 1 1  ? 17.646  3.177   -6.508  1.00 34.45 ? 13  DC  B "C1'" 1 
ATOM   252 N  N1    . DC  B 1 1  ? 17.882  2.470   -5.217  1.00 35.16 ? 13  DC  B N1    1 
ATOM   253 C  C2    . DC  B 1 1  ? 17.904  1.075   -5.238  1.00 36.47 ? 13  DC  B C2    1 
ATOM   254 O  O2    . DC  B 1 1  ? 17.733  0.469   -6.305  1.00 26.49 ? 13  DC  B O2    1 
ATOM   255 N  N3    . DC  B 1 1  ? 18.115  0.394   -4.087  1.00 39.08 ? 13  DC  B N3    1 
ATOM   256 C  C4    . DC  B 1 1  ? 18.296  1.060   -2.947  1.00 39.51 ? 13  DC  B C4    1 
ATOM   257 N  N4    . DC  B 1 1  ? 18.499  0.334   -1.846  1.00 39.03 ? 13  DC  B N4    1 
ATOM   258 C  C5    . DC  B 1 1  ? 18.278  2.481   -2.892  1.00 37.08 ? 13  DC  B C5    1 
ATOM   259 C  C6    . DC  B 1 1  ? 18.070  3.140   -4.038  1.00 36.29 ? 13  DC  B C6    1 
ATOM   260 P  P     . DG  B 1 2  ? 15.457  5.720   -9.141  1.00 48.10 ? 14  DG  B P     1 
ATOM   261 O  OP1   . DG  B 1 2  ? 15.558  6.876   -10.078 1.00 77.78 ? 14  DG  B OP1   1 
ATOM   262 O  OP2   . DG  B 1 2  ? 14.680  5.896   -7.879  1.00 43.77 ? 14  DG  B OP2   1 
ATOM   263 O  "O5'" . DG  B 1 2  ? 14.764  4.525   -9.939  1.00 31.46 ? 14  DG  B "O5'" 1 
ATOM   264 C  "C5'" . DG  B 1 2  ? 15.547  3.483   -10.514 1.00 22.39 ? 14  DG  B "C5'" 1 
ATOM   265 C  "C4'" . DG  B 1 2  ? 14.827  2.162   -10.343 1.00 11.62 ? 14  DG  B "C4'" 1 
ATOM   266 O  "O4'" . DG  B 1 2  ? 15.193  1.581   -9.075  1.00 19.57 ? 14  DG  B "O4'" 1 
ATOM   267 C  "C3'" . DG  B 1 2  ? 13.301  2.268   -10.361 1.00 16.07 ? 14  DG  B "C3'" 1 
ATOM   268 O  "O3'" . DG  B 1 2  ? 12.793  1.636   -11.529 1.00 20.65 ? 14  DG  B "O3'" 1 
ATOM   269 C  "C2'" . DG  B 1 2  ? 12.835  1.607   -9.091  1.00 20.25 ? 14  DG  B "C2'" 1 
ATOM   270 C  "C1'" . DG  B 1 2  ? 14.060  0.935   -8.508  1.00 26.10 ? 14  DG  B "C1'" 1 
ATOM   271 N  N9    . DG  B 1 2  ? 14.154  1.104   -7.080  1.00 21.97 ? 14  DG  B N9    1 
ATOM   272 C  C8    . DG  B 1 2  ? 14.227  2.278   -6.362  1.00 19.14 ? 14  DG  B C8    1 
ATOM   273 N  N7    . DG  B 1 2  ? 14.304  2.089   -5.083  1.00 23.75 ? 14  DG  B N7    1 
ATOM   274 C  C5    . DG  B 1 2  ? 14.280  0.711   -4.931  1.00 16.34 ? 14  DG  B C5    1 
ATOM   275 C  C6    . DG  B 1 2  ? 14.335  -0.069  -3.746  1.00 18.40 ? 14  DG  B C6    1 
ATOM   276 O  O6    . DG  B 1 2  ? 14.418  0.338   -2.576  1.00 23.18 ? 14  DG  B O6    1 
ATOM   277 N  N1    . DG  B 1 2  ? 14.285  -1.430  -4.026  1.00 14.70 ? 14  DG  B N1    1 
ATOM   278 C  C2    . DG  B 1 2  ? 14.192  -1.958  -5.294  1.00 16.22 ? 14  DG  B C2    1 
ATOM   279 N  N2    . DG  B 1 2  ? 14.154  -3.295  -5.382  1.00 8.28  ? 14  DG  B N2    1 
ATOM   280 N  N3    . DG  B 1 2  ? 14.140  -1.234  -6.402  1.00 18.07 ? 14  DG  B N3    1 
ATOM   281 C  C4    . DG  B 1 2  ? 14.187  0.092   -6.163  1.00 19.88 ? 14  DG  B C4    1 
ATOM   282 P  P     . DC  B 1 3  ? 11.237  1.545   -11.923 1.00 25.93 ? 15  DC  B P     1 
ATOM   283 O  OP1   . DC  B 1 3  ? 11.082  1.035   -13.313 1.00 25.68 ? 15  DC  B OP1   1 
ATOM   284 O  OP2   . DC  B 1 3  ? 10.500  2.743   -11.433 1.00 22.35 ? 15  DC  B OP2   1 
ATOM   285 O  "O5'" . DC  B 1 3  ? 10.720  0.311   -11.048 1.00 14.42 ? 15  DC  B "O5'" 1 
ATOM   286 C  "C5'" . DC  B 1 3  ? 11.149  -1.011  -11.378 1.00 12.38 ? 15  DC  B "C5'" 1 
ATOM   287 C  "C4'" . DC  B 1 3  ? 10.841  -1.921  -10.215 1.00 17.11 ? 15  DC  B "C4'" 1 
ATOM   288 O  "O4'" . DC  B 1 3  ? 11.324  -1.355  -8.973  1.00 17.62 ? 15  DC  B "O4'" 1 
ATOM   289 C  "C3'" . DC  B 1 3  ? 9.362   -2.154  -9.953  1.00 10.97 ? 15  DC  B "C3'" 1 
ATOM   290 O  "O3'" . DC  B 1 3  ? 8.864   -3.215  -10.755 1.00 17.44 ? 15  DC  B "O3'" 1 
ATOM   291 C  "C2'" . DC  B 1 3  ? 9.297   -2.486  -8.481  1.00 17.58 ? 15  DC  B "C2'" 1 
ATOM   292 C  "C1'" . DC  B 1 3  ? 10.570  -1.901  -7.896  1.00 15.47 ? 15  DC  B "C1'" 1 
ATOM   293 N  N1    . DC  B 1 3  ? 10.508  -0.723  -6.975  1.00 19.10 ? 15  DC  B N1    1 
ATOM   294 C  C2    . DC  B 1 3  ? 10.747  -1.033  -5.629  1.00 19.46 ? 15  DC  B C2    1 
ATOM   295 O  O2    . DC  B 1 3  ? 10.981  -2.218  -5.334  1.00 19.95 ? 15  DC  B O2    1 
ATOM   296 N  N3    . DC  B 1 3  ? 10.716  -0.052  -4.712  1.00 14.29 ? 15  DC  B N3    1 
ATOM   297 C  C4    . DC  B 1 3  ? 10.463  1.206   -5.061  1.00 22.38 ? 15  DC  B C4    1 
ATOM   298 N  N4    . DC  B 1 3  ? 10.458  2.097   -4.065  1.00 9.62  ? 15  DC  B N4    1 
ATOM   299 C  C5    . DC  B 1 3  ? 10.216  1.552   -6.422  1.00 20.36 ? 15  DC  B C5    1 
ATOM   300 C  C6    . DC  B 1 3  ? 10.248  0.566   -7.331  1.00 22.20 ? 15  DC  B C6    1 
ATOM   301 P  P     . DG  B 1 4  ? 7.279   -3.420  -10.899 1.00 30.46 ? 16  DG  B P     1 
ATOM   302 O  OP1   . DG  B 1 4  ? 6.987   -4.184  -12.139 1.00 40.73 ? 16  DG  B OP1   1 
ATOM   303 O  OP2   . DG  B 1 4  ? 6.600   -2.110  -10.699 1.00 31.88 ? 16  DG  B OP2   1 
ATOM   304 O  "O5'" . DG  B 1 4  ? 6.927   -4.370  -9.659  1.00 34.94 ? 16  DG  B "O5'" 1 
ATOM   305 C  "C5'" . DG  B 1 4  ? 7.595   -5.618  -9.507  1.00 25.21 ? 16  DG  B "C5'" 1 
ATOM   306 C  "C4'" . DG  B 1 4  ? 7.282   -6.252  -8.173  1.00 22.54 ? 16  DG  B "C4'" 1 
ATOM   307 O  "O4'" . DG  B 1 4  ? 7.677   -5.368  -7.093  1.00 19.78 ? 16  DG  B "O4'" 1 
ATOM   308 C  "C3'" . DG  B 1 4  ? 5.804   -6.559  -7.927  1.00 29.18 ? 16  DG  B "C3'" 1 
ATOM   309 O  "O3'" . DG  B 1 4  ? 5.664   -7.806  -7.267  1.00 31.88 ? 16  DG  B "O3'" 1 
ATOM   310 C  "C2'" . DG  B 1 4  ? 5.321   -5.401  -7.089  1.00 27.74 ? 16  DG  B "C2'" 1 
ATOM   311 C  "C1'" . DG  B 1 4  ? 6.555   -5.035  -6.287  1.00 21.87 ? 16  DG  B "C1'" 1 
ATOM   312 N  N9    . DG  B 1 4  ? 6.668   -3.629  -6.021  1.00 21.67 ? 16  DG  B N9    1 
ATOM   313 C  C8    . DG  B 1 4  ? 6.370   -2.563  -6.829  1.00 16.42 ? 16  DG  B C8    1 
ATOM   314 N  N7    . DG  B 1 4  ? 6.599   -1.421  -6.253  1.00 19.02 ? 16  DG  B N7    1 
ATOM   315 C  C5    . DG  B 1 4  ? 7.073   -1.737  -4.996  1.00 11.91 ? 16  DG  B C5    1 
ATOM   316 C  C6    . DG  B 1 4  ? 7.484   -0.899  -3.934  1.00 16.94 ? 16  DG  B C6    1 
ATOM   317 O  O6    . DG  B 1 4  ? 7.518   0.338   -3.873  1.00 31.10 ? 16  DG  B O6    1 
ATOM   318 N  N1    . DG  B 1 4  ? 7.901   -1.637  -2.825  1.00 17.97 ? 16  DG  B N1    1 
ATOM   319 C  C2    . DG  B 1 4  ? 7.913   -3.015  -2.761  1.00 14.56 ? 16  DG  B C2    1 
ATOM   320 N  N2    . DG  B 1 4  ? 8.352   -3.523  -1.593  1.00 18.25 ? 16  DG  B N2    1 
ATOM   321 N  N3    . DG  B 1 4  ? 7.532   -3.811  -3.743  1.00 22.06 ? 16  DG  B N3    1 
ATOM   322 C  C4    . DG  B 1 4  ? 7.124   -3.110  -4.834  1.00 26.80 ? 16  DG  B C4    1 
ATOM   323 P  P     . DA  B 1 5  ? 4.409   -8.176  -6.347  1.00 31.30 ? 17  DA  B P     1 
ATOM   324 O  OP1   . DA  B 1 5  ? 4.201   -9.648  -6.337  1.00 31.03 ? 17  DA  B OP1   1 
ATOM   325 O  OP2   . DA  B 1 5  ? 3.259   -7.299  -6.705  1.00 35.23 ? 17  DA  B OP2   1 
ATOM   326 O  "O5'" . DA  B 1 5  ? 4.890   -7.766  -4.870  1.00 29.23 ? 17  DA  B "O5'" 1 
ATOM   327 C  "C5'" . DA  B 1 5  ? 6.050   -8.378  -4.319  1.00 23.27 ? 17  DA  B "C5'" 1 
ATOM   328 C  "C4'" . DA  B 1 5  ? 6.144   -8.167  -2.830  1.00 24.78 ? 17  DA  B "C4'" 1 
ATOM   329 O  "O4'" . DA  B 1 5  ? 6.184   -6.758  -2.496  1.00 29.90 ? 17  DA  B "O4'" 1 
ATOM   330 C  "C3'" . DA  B 1 5  ? 4.959   -8.716  -2.039  1.00 32.25 ? 17  DA  B "C3'" 1 
ATOM   331 O  "O3'" . DA  B 1 5  ? 5.428   -9.232  -0.805  1.00 33.56 ? 17  DA  B "O3'" 1 
ATOM   332 C  "C2'" . DA  B 1 5  ? 4.039   -7.533  -1.886  1.00 29.49 ? 17  DA  B "C2'" 1 
ATOM   333 C  "C1'" . DA  B 1 5  ? 5.008   -6.362  -1.813  1.00 32.05 ? 17  DA  B "C1'" 1 
ATOM   334 N  N9    . DA  B 1 5  ? 4.689   -4.930  -2.452  1.00 25.91 ? 17  DA  B N9    1 
ATOM   335 C  C8    . DA  B 1 5  ? 4.221   -4.786  -3.737  1.00 23.96 ? 17  DA  B C8    1 
ATOM   336 N  N7    . DA  B 1 5  ? 4.016   -3.537  -4.088  1.00 22.94 ? 17  DA  B N7    1 
ATOM   337 C  C5    . DA  B 1 5  ? 4.370   -2.816  -2.965  1.00 19.05 ? 17  DA  B C5    1 
ATOM   338 C  C6    . DA  B 1 5  ? 4.380   -1.436  -2.688  1.00 24.26 ? 17  DA  B C6    1 
ATOM   339 N  N6    . DA  B 1 5  ? 4.010   -0.505  -3.562  1.00 16.37 ? 17  DA  B N6    1 
ATOM   340 N  N1    . DA  B 1 5  ? 4.790   -1.041  -1.462  1.00 21.33 ? 17  DA  B N1    1 
ATOM   341 C  C2    . DA  B 1 5  ? 5.164   -1.973  -0.583  1.00 15.76 ? 17  DA  B C2    1 
ATOM   342 N  N3    . DA  B 1 5  ? 5.201   -3.300  -0.721  1.00 13.52 ? 17  DA  B N3    1 
ATOM   343 C  C4    . DA  B 1 5  ? 4.788   -3.662  -1.946  1.00 16.35 ? 17  DA  B C4    1 
ATOM   344 P  P     . DA  B 1 6  ? 4.440   -9.798  0.321   1.00 34.33 ? 18  DA  B P     1 
ATOM   345 O  OP1   . DA  B 1 6  ? 5.171   -10.795 1.152   1.00 45.70 ? 18  DA  B OP1   1 
ATOM   346 O  OP2   . DA  B 1 6  ? 3.148   -10.186 -0.307  1.00 37.19 ? 18  DA  B OP2   1 
ATOM   347 O  "O5'" . DA  B 1 6  ? 4.147   -8.529  1.248   1.00 30.12 ? 18  DA  B "O5'" 1 
ATOM   348 C  "C5'" . DA  B 1 6  ? 5.167   -7.807  1.925   1.00 19.87 ? 18  DA  B "C5'" 1 
ATOM   349 C  "C4'" . DA  B 1 6  ? 4.561   -6.674  2.716   1.00 28.49 ? 18  DA  B "C4'" 1 
ATOM   350 O  "O4'" . DA  B 1 6  ? 4.127   -5.600  1.848   1.00 29.81 ? 18  DA  B "O4'" 1 
ATOM   351 C  "C3'" . DA  B 1 6  ? 3.331   -7.089  3.525   1.00 32.89 ? 18  DA  B "C3'" 1 
ATOM   352 O  "O3'" . DA  B 1 6  ? 3.588   -6.820  4.899   1.00 35.60 ? 18  DA  B "O3'" 1 
ATOM   353 C  "C2'" . DA  B 1 6  ? 2.184   -6.290  2.971   1.00 31.75 ? 18  DA  B "C2'" 1 
ATOM   354 C  "C1'" . DA  B 1 6  ? 2.867   -5.104  2.308   1.00 34.03 ? 18  DA  B "C1'" 1 
ATOM   355 N  N9    . DA  B 1 6  ? 2.323   -4.339  1.019   1.00 25.47 ? 18  DA  B N9    1 
ATOM   356 C  C8    . DA  B 1 6  ? 1.838   -5.005  -0.085  1.00 15.59 ? 18  DA  B C8    1 
ATOM   357 N  N7    . DA  B 1 6  ? 1.439   -4.207  -1.039  1.00 20.95 ? 18  DA  B N7    1 
ATOM   358 C  C5    . DA  B 1 6  ? 1.674   -2.933  -0.547  1.00 22.62 ? 18  DA  B C5    1 
ATOM   359 C  C6    . DA  B 1 6  ? 1.460   -1.652  -1.088  1.00 13.68 ? 18  DA  B C6    1 
ATOM   360 N  N6    . DA  B 1 6  ? 0.945   -1.428  -2.291  1.00 14.34 ? 18  DA  B N6    1 
ATOM   361 N  N1    . DA  B 1 6  ? 1.802   -0.593  -0.335  1.00 14.98 ? 18  DA  B N1    1 
ATOM   362 C  C2    . DA  B 1 6  ? 2.322   -0.808  0.879   1.00 17.02 ? 18  DA  B C2    1 
ATOM   363 N  N3    . DA  B 1 6  ? 2.569   -1.958  1.497   1.00 18.94 ? 18  DA  B N3    1 
ATOM   364 C  C4    . DA  B 1 6  ? 2.217   -2.997  0.720   1.00 21.83 ? 18  DA  B C4    1 
ATOM   365 P  P     . DT  B 1 7  ? 2.383   -6.888  5.969   1.00 34.30 ? 19  DT  B P     1 
ATOM   366 O  OP1   . DT  B 1 7  ? 2.994   -7.110  7.313   1.00 32.43 ? 19  DT  B OP1   1 
ATOM   367 O  OP2   . DT  B 1 7  ? 1.314   -7.761  5.438   1.00 20.75 ? 19  DT  B OP2   1 
ATOM   368 O  "O5'" . DT  B 1 7  ? 1.847   -5.380  5.981   1.00 31.88 ? 19  DT  B "O5'" 1 
ATOM   369 C  "C5'" . DT  B 1 7  ? 2.785   -4.308  6.129   1.00 26.46 ? 19  DT  B "C5'" 1 
ATOM   370 C  "C4'" . DT  B 1 7  ? 2.056   -2.985  6.132   1.00 21.75 ? 19  DT  B "C4'" 1 
ATOM   371 O  "O4'" . DT  B 1 7  ? 1.551   -2.692  4.811   1.00 20.79 ? 19  DT  B "O4'" 1 
ATOM   372 C  "C3'" . DT  B 1 7  ? 0.842   -2.929  7.053   1.00 20.63 ? 19  DT  B "C3'" 1 
ATOM   373 O  "O3'" . DT  B 1 7  ? 1.084   -2.008  8.113   1.00 38.76 ? 19  DT  B "O3'" 1 
ATOM   374 C  "C2'" . DT  B 1 7  ? -0.314  -2.490  6.198   1.00 24.24 ? 19  DT  B "C2'" 1 
ATOM   375 C  "C1'" . DT  B 1 7  ? 0.337   -1.955  4.944   1.00 19.63 ? 19  DT  B "C1'" 1 
ATOM   376 N  N1    . DT  B 1 7  ? -0.221  -2.143  3.509   1.00 25.16 ? 19  DT  B N1    1 
ATOM   377 C  C2    . DT  B 1 7  ? -0.471  -1.008  2.781   1.00 21.49 ? 19  DT  B C2    1 
ATOM   378 O  O2    . DT  B 1 7  ? -0.281  0.129   3.188   1.00 16.70 ? 19  DT  B O2    1 
ATOM   379 N  N3    . DT  B 1 7  ? -0.965  -1.241  1.516   1.00 21.43 ? 19  DT  B N3    1 
ATOM   380 C  C4    . DT  B 1 7  ? -1.220  -2.471  0.947   1.00 22.76 ? 19  DT  B C4    1 
ATOM   381 O  O4    . DT  B 1 7  ? -1.661  -2.542  -0.193  1.00 19.41 ? 19  DT  B O4    1 
ATOM   382 C  C5    . DT  B 1 7  ? -0.935  -3.628  1.769   1.00 18.86 ? 19  DT  B C5    1 
ATOM   383 C  C7    . DT  B 1 7  ? -1.173  -5.003  1.251   1.00 21.90 ? 19  DT  B C7    1 
ATOM   384 C  C6    . DT  B 1 7  ? -0.455  -3.400  2.994   1.00 25.03 ? 19  DT  B C6    1 
ATOM   385 P  P     . DT  B 1 8  ? -0.121  -1.584  9.092   1.00 31.74 ? 20  DT  B P     1 
ATOM   386 O  OP1   . DT  B 1 8  ? 0.512   -1.005  10.308  1.00 40.50 ? 20  DT  B OP1   1 
ATOM   387 O  OP2   . DT  B 1 8  ? -1.063  -2.723  9.232   1.00 16.78 ? 20  DT  B OP2   1 
ATOM   388 O  "O5'" . DT  B 1 8  ? -0.874  -0.429  8.298   1.00 27.89 ? 20  DT  B "O5'" 1 
ATOM   389 C  "C5'" . DT  B 1 8  ? -0.254  0.829   8.049   1.00 28.32 ? 20  DT  B "C5'" 1 
ATOM   390 C  "C4'" . DT  B 1 8  ? -1.168  1.747   7.268   1.00 19.49 ? 20  DT  B "C4'" 1 
ATOM   391 O  "O4'" . DT  B 1 8  ? -1.558  1.120   6.023   1.00 20.57 ? 20  DT  B "O4'" 1 
ATOM   392 C  "C3'" . DT  B 1 8  ? -2.469  2.111   7.984   1.00 16.31 ? 20  DT  B "C3'" 1 
ATOM   393 O  "O3'" . DT  B 1 8  ? -2.436  3.484   8.374   1.00 31.72 ? 20  DT  B "O3'" 1 
ATOM   394 C  "C2'" . DT  B 1 8  ? -3.571  1.818   7.000   1.00 16.80 ? 20  DT  B "C2'" 1 
ATOM   395 C  "C1'" . DT  B 1 8  ? -2.861  1.578   5.682   1.00 14.61 ? 20  DT  B "C1'" 1 
ATOM   396 N  N1    . DT  B 1 8  ? -3.293  0.490   4.667   1.00 18.40 ? 20  DT  B N1    1 
ATOM   397 C  C2    . DT  B 1 8  ? -3.702  0.981   3.446   1.00 15.31 ? 20  DT  B C2    1 
ATOM   398 O  O2    . DT  B 1 8  ? -3.718  2.170   3.199   1.00 19.59 ? 20  DT  B O2    1 
ATOM   399 N  N3    . DT  B 1 8  ? -4.088  0.030   2.537   1.00 16.56 ? 20  DT  B N3    1 
ATOM   400 C  C4    . DT  B 1 8  ? -4.105  -1.342  2.721   1.00 14.14 ? 20  DT  B C4    1 
ATOM   401 O  O4    . DT  B 1 8  ? -4.478  -2.064  1.806   1.00 16.87 ? 20  DT  B O4    1 
ATOM   402 C  C5    . DT  B 1 8  ? -3.663  -1.792  4.022   1.00 22.63 ? 20  DT  B C5    1 
ATOM   403 C  C7    . DT  B 1 8  ? -3.645  -3.261  4.324   1.00 29.56 ? 20  DT  B C7    1 
ATOM   404 C  C6    . DT  B 1 8  ? -3.286  -0.863  4.914   1.00 19.88 ? 20  DT  B C6    1 
ATOM   405 P  P     . DC  B 1 9  ? -3.656  4.178   9.160   1.00 37.03 ? 21  DC  B P     1 
ATOM   406 O  OP1   . DC  B 1 9  ? -3.177  5.396   9.863   1.00 35.63 ? 21  DC  B OP1   1 
ATOM   407 O  OP2   . DC  B 1 9  ? -4.419  3.159   9.932   1.00 40.76 ? 21  DC  B OP2   1 
ATOM   408 O  "O5'" . DC  B 1 9  ? -4.608  4.666   7.973   1.00 30.62 ? 21  DC  B "O5'" 1 
ATOM   409 C  "C5'" . DC  B 1 9  ? -4.057  5.435   6.910   1.00 18.27 ? 21  DC  B "C5'" 1 
ATOM   410 C  "C4'" . DC  B 1 9  ? -5.109  5.689   5.856   1.00 14.74 ? 21  DC  B "C4'" 1 
ATOM   411 O  "O4'" . DC  B 1 9  ? -5.363  4.475   5.107   1.00 16.50 ? 21  DC  B "O4'" 1 
ATOM   412 C  "C3'" . DC  B 1 9  ? -6.458  6.147   6.408   1.00 20.40 ? 21  DC  B "C3'" 1 
ATOM   413 O  "O3'" . DC  B 1 9  ? -6.844  7.370   5.804   1.00 32.31 ? 21  DC  B "O3'" 1 
ATOM   414 C  "C2'" . DC  B 1 9  ? -7.421  5.030   6.086   1.00 14.56 ? 21  DC  B "C2'" 1 
ATOM   415 C  "C1'" . DC  B 1 9  ? -6.769  4.369   4.881   1.00 18.71 ? 21  DC  B "C1'" 1 
ATOM   416 N  N1    . DC  B 1 9  ? -6.919  2.914   4.635   1.00 23.06 ? 21  DC  B N1    1 
ATOM   417 C  C2    . DC  B 1 9  ? -7.394  2.535   3.377   1.00 17.60 ? 21  DC  B C2    1 
ATOM   418 O  O2    . DC  B 1 9  ? -7.665  3.406   2.537   1.00 25.64 ? 21  DC  B O2    1 
ATOM   419 N  N3    . DC  B 1 9  ? -7.552  1.225   3.094   1.00 21.07 ? 21  DC  B N3    1 
ATOM   420 C  C4    . DC  B 1 9  ? -7.253  0.317   4.024   1.00 21.22 ? 21  DC  B C4    1 
ATOM   421 N  N4    . DC  B 1 9  ? -7.426  -0.966  3.692   1.00 19.64 ? 21  DC  B N4    1 
ATOM   422 C  C5    . DC  B 1 9  ? -6.767  0.680   5.310   1.00 15.35 ? 21  DC  B C5    1 
ATOM   423 C  C6    . DC  B 1 9  ? -6.613  1.974   5.585   1.00 14.60 ? 21  DC  B C6    1 
ATOM   424 P  P     . DG  B 1 10 ? -7.919  8.398   6.395   1.00 35.14 ? 22  DG  B P     1 
ATOM   425 O  OP1   . DG  B 1 10 ? -7.513  9.774   5.956   1.00 26.53 ? 22  DG  B OP1   1 
ATOM   426 O  OP2   . DG  B 1 10 ? -8.183  8.164   7.832   1.00 19.47 ? 22  DG  B OP2   1 
ATOM   427 O  "O5'" . DG  B 1 10 ? -9.264  8.029   5.617   1.00 35.01 ? 22  DG  B "O5'" 1 
ATOM   428 C  "C5'" . DG  B 1 10 ? -9.360  8.104   4.195   1.00 30.90 ? 22  DG  B "C5'" 1 
ATOM   429 C  "C4'" . DG  B 1 10 ? -10.620 7.396   3.758   1.00 29.61 ? 22  DG  B "C4'" 1 
ATOM   430 O  "O4'" . DG  B 1 10 ? -10.383 5.961   3.711   1.00 19.91 ? 22  DG  B "O4'" 1 
ATOM   431 C  "C3'" . DG  B 1 10 ? -11.823 7.585   4.675   1.00 29.01 ? 22  DG  B "C3'" 1 
ATOM   432 O  "O3'" . DG  B 1 10 ? -13.017 7.823   3.944   1.00 35.86 ? 22  DG  B "O3'" 1 
ATOM   433 C  "C2'" . DG  B 1 10 ? -11.879 6.281   5.446   1.00 18.44 ? 22  DG  B "C2'" 1 
ATOM   434 C  "C1'" . DG  B 1 10 ? -11.496 5.314   4.330   1.00 13.90 ? 22  DG  B "C1'" 1 
ATOM   435 N  N9    . DG  B 1 10 ? -11.074 4.022   4.767   1.00 19.18 ? 22  DG  B N9    1 
ATOM   436 C  C8    . DG  B 1 10 ? -10.509 3.569   5.931   1.00 17.56 ? 22  DG  B C8    1 
ATOM   437 N  N7    . DG  B 1 10 ? -10.281 2.282   5.906   1.00 19.09 ? 22  DG  B N7    1 
ATOM   438 C  C5    . DG  B 1 10 ? -10.721 1.876   4.660   1.00 15.72 ? 22  DG  B C5    1 
ATOM   439 C  C6    . DG  B 1 10 ? -10.731 0.591   4.062   1.00 18.86 ? 22  DG  B C6    1 
ATOM   440 O  O6    . DG  B 1 10 ? -10.331 -0.476  4.555   1.00 14.17 ? 22  DG  B O6    1 
ATOM   441 N  N1    . DG  B 1 10 ? -11.269 0.639   2.785   1.00 14.31 ? 22  DG  B N1    1 
ATOM   442 C  C2    . DG  B 1 10 ? -11.742 1.761   2.147   1.00 14.53 ? 22  DG  B C2    1 
ATOM   443 N  N2    . DG  B 1 10 ? -12.221 1.567   0.903   1.00 13.68 ? 22  DG  B N2    1 
ATOM   444 N  N3    . DG  B 1 10 ? -11.737 2.959   2.693   1.00 17.90 ? 22  DG  B N3    1 
ATOM   445 C  C4    . DG  B 1 10 ? -11.217 2.935   3.939   1.00 19.24 ? 22  DG  B C4    1 
ATOM   446 P  P     . DC  B 1 11 ? -14.315 8.462   4.639   1.00 33.97 ? 23  DC  B P     1 
ATOM   447 O  OP1   . DC  B 1 11 ? -14.159 9.937   4.759   1.00 34.01 ? 23  DC  B OP1   1 
ATOM   448 O  OP2   . DC  B 1 11 ? -14.682 7.690   5.863   1.00 38.96 ? 23  DC  B OP2   1 
ATOM   449 O  "O5'" . DC  B 1 11 ? -15.486 8.217   3.572   1.00 31.55 ? 23  DC  B "O5'" 1 
ATOM   450 C  "C5'" . DC  B 1 11 ? -15.276 8.568   2.208   1.00 15.64 ? 23  DC  B "C5'" 1 
ATOM   451 C  "C4'" . DC  B 1 11 ? -15.538 7.392   1.308   1.00 20.03 ? 23  DC  B "C4'" 1 
ATOM   452 O  "O4'" . DC  B 1 11 ? -14.661 6.287   1.636   1.00 20.52 ? 23  DC  B "O4'" 1 
ATOM   453 C  "C3'" . DC  B 1 11 ? -16.935 6.783   1.412   1.00 30.94 ? 23  DC  B "C3'" 1 
ATOM   454 O  "O3'" . DC  B 1 11 ? -17.887 7.494   0.635   1.00 31.22 ? 23  DC  B "O3'" 1 
ATOM   455 C  "C2'" . DC  B 1 11 ? -16.731 5.375   0.907   1.00 28.24 ? 23  DC  B "C2'" 1 
ATOM   456 C  "C1'" . DC  B 1 11 ? -15.297 5.058   1.313   1.00 23.78 ? 23  DC  B "C1'" 1 
ATOM   457 N  N1    . DC  B 1 11 ? -15.048 4.246   2.542   1.00 19.25 ? 23  DC  B N1    1 
ATOM   458 C  C2    . DC  B 1 11 ? -15.083 2.858   2.379   1.00 19.54 ? 23  DC  B C2    1 
ATOM   459 O  O2    . DC  B 1 11 ? -15.304 2.350   1.272   1.00 25.23 ? 23  DC  B O2    1 
ATOM   460 N  N3    . DC  B 1 11 ? -14.864 2.073   3.448   1.00 19.30 ? 23  DC  B N3    1 
ATOM   461 C  C4    . DC  B 1 11 ? -14.624 2.593   4.644   1.00 23.53 ? 23  DC  B C4    1 
ATOM   462 N  N4    . DC  B 1 11 ? -14.422 1.732   5.647   1.00 11.90 ? 23  DC  B N4    1 
ATOM   463 C  C5    . DC  B 1 11 ? -14.586 3.999   4.843   1.00 21.90 ? 23  DC  B C5    1 
ATOM   464 C  C6    . DC  B 1 11 ? -14.801 4.770   3.771   1.00 23.53 ? 23  DC  B C6    1 
ATOM   465 P  P     . DG  B 1 12 ? -19.459 7.324   0.994   1.00 28.70 ? 24  DG  B P     1 
ATOM   466 O  OP1   . DG  B 1 12 ? -20.227 8.298   0.174   1.00 39.04 ? 24  DG  B OP1   1 
ATOM   467 O  OP2   . DG  B 1 12 ? -19.670 7.299   2.463   1.00 24.01 ? 24  DG  B OP2   1 
ATOM   468 O  "O5'" . DG  B 1 12 ? -19.787 5.845   0.465   1.00 19.39 ? 24  DG  B "O5'" 1 
ATOM   469 C  "C5'" . DG  B 1 12 ? -19.776 5.527   -0.924  1.00 19.47 ? 24  DG  B "C5'" 1 
ATOM   470 C  "C4'" . DG  B 1 12 ? -19.975 4.044   -1.145  1.00 26.69 ? 24  DG  B "C4'" 1 
ATOM   471 O  "O4'" . DG  B 1 12 ? -18.900 3.295   -0.531  1.00 18.71 ? 24  DG  B "O4'" 1 
ATOM   472 C  "C3'" . DG  B 1 12 ? -21.245 3.448   -0.548  1.00 21.71 ? 24  DG  B "C3'" 1 
ATOM   473 O  "O3'" . DG  B 1 12 ? -22.318 3.499   -1.473  1.00 18.47 ? 24  DG  B "O3'" 1 
ATOM   474 C  "C2'" . DG  B 1 12 ? -20.875 2.024   -0.217  1.00 23.70 ? 24  DG  B "C2'" 1 
ATOM   475 C  "C1'" . DG  B 1 12 ? -19.388 2.087   0.043   1.00 17.75 ? 24  DG  B "C1'" 1 
ATOM   476 N  N9    . DG  B 1 12 ? -19.034 2.187   1.440   1.00 15.04 ? 24  DG  B N9    1 
ATOM   477 C  C8    . DG  B 1 12 ? -19.053 3.271   2.288   1.00 21.78 ? 24  DG  B C8    1 
ATOM   478 N  N7    . DG  B 1 12 ? -18.661 2.988   3.497   1.00 18.37 ? 24  DG  B N7    1 
ATOM   479 C  C5    . DG  B 1 12 ? -18.367 1.628   3.443   1.00 17.02 ? 24  DG  B C5    1 
ATOM   480 C  C6    . DG  B 1 12 ? -17.895 0.749   4.449   1.00 11.41 ? 24  DG  B C6    1 
ATOM   481 O  O6    . DG  B 1 12 ? -17.633 0.998   5.629   1.00 15.22 ? 24  DG  B O6    1 
ATOM   482 N  N1    . DG  B 1 12 ? -17.729 -0.548  3.966   1.00 13.61 ? 24  DG  B N1    1 
ATOM   483 C  C2    . DG  B 1 12 ? -17.984 -0.954  2.678   1.00 11.93 ? 24  DG  B C2    1 
ATOM   484 N  N2    . DG  B 1 12 ? -17.763 -2.248  2.403   1.00 9.43  ? 24  DG  B N2    1 
ATOM   485 N  N3    . DG  B 1 12 ? -18.424 -0.145  1.732   1.00 14.42 ? 24  DG  B N3    1 
ATOM   486 C  C4    . DG  B 1 12 ? -18.591 1.120   2.177   1.00 11.38 ? 24  DG  B C4    1 
HETATM 487 MG MG    . MG  C 2 .  ? -2.441  11.328  -5.581  1.00 23.65 ? 26  MG  A MG    1 
HETATM 488 C  C1    . E97 D 3 .  ? 3.661   0.411   6.994   1.00 43.93 ? 25  E97 A C1    1 
HETATM 489 C  C2    . E97 D 3 .  ? 4.037   -0.358  5.898   1.00 38.77 ? 25  E97 A C2    1 
HETATM 490 C  C3    . E97 D 3 .  ? 2.749   1.455   6.785   1.00 42.11 ? 25  E97 A C3    1 
HETATM 491 C  C4    . E97 D 3 .  ? 2.182   1.772   5.532   1.00 39.96 ? 25  E97 A C4    1 
HETATM 492 C  C5    . E97 D 3 .  ? 2.603   0.979   4.447   1.00 36.68 ? 25  E97 A C5    1 
HETATM 493 C  C6    . E97 D 3 .  ? 3.475   -0.080  4.661   1.00 31.99 ? 25  E97 A C6    1 
HETATM 494 C  C7    . E97 D 3 .  ? 1.282   2.857   5.363   1.00 33.65 ? 25  E97 A C7    1 
HETATM 495 C  C8    . E97 D 3 .  ? 1.249   3.951   6.254   1.00 28.12 ? 25  E97 A C8    1 
HETATM 496 C  C9    . E97 D 3 .  ? 0.373   5.042   6.135   1.00 25.40 ? 25  E97 A C9    1 
HETATM 497 C  C10   . E97 D 3 .  ? -0.492  5.058   5.048   1.00 28.12 ? 25  E97 A C10   1 
HETATM 498 C  C11   . E97 D 3 .  ? 0.348   2.883   4.308   1.00 27.69 ? 25  E97 A C11   1 
HETATM 499 C  C12   . E97 D 3 .  ? -0.462  4.000   4.148   1.00 24.77 ? 25  E97 A C12   1 
HETATM 500 N  N13   . E97 D 3 .  ? -1.432  5.979   4.727   1.00 31.37 ? 25  E97 A N13   1 
HETATM 501 C  C14   . E97 D 3 .  ? -1.976  5.423   3.609   1.00 34.34 ? 25  E97 A C14   1 
HETATM 502 N  N15   . E97 D 3 .  ? -1.442  4.234   3.266   1.00 34.56 ? 25  E97 A N15   1 
HETATM 503 N  N16   . E97 D 3 .  ? 4.885   -1.407  5.838   1.00 35.76 ? 25  E97 A N16   1 
HETATM 504 C  C17   . E97 D 3 .  ? 4.834   -1.737  4.519   1.00 28.03 ? 25  E97 A C17   1 
HETATM 505 N  N18   . E97 D 3 .  ? 3.964   -0.992  3.811   1.00 22.66 ? 25  E97 A N18   1 
HETATM 506 C  C19   . E97 D 3 .  ? -2.960  6.005   2.918   1.00 33.19 ? 25  E97 A C19   1 
HETATM 507 C  C20   . E97 D 3 .  ? -3.351  7.319   3.213   1.00 43.05 ? 25  E97 A C20   1 
HETATM 508 C  C21   . E97 D 3 .  ? -4.388  7.934   2.505   1.00 40.37 ? 25  E97 A C21   1 
HETATM 509 C  C22   . E97 D 3 .  ? -5.112  7.271   1.515   1.00 43.04 ? 25  E97 A C22   1 
HETATM 510 C  C23   . E97 D 3 .  ? -3.688  5.324   1.943   1.00 35.78 ? 25  E97 A C23   1 
HETATM 511 C  C24   . E97 D 3 .  ? -4.743  5.944   1.261   1.00 40.73 ? 25  E97 A C24   1 
HETATM 512 C  C25   . E97 D 3 .  ? 5.527   -2.743  3.958   1.00 29.76 ? 25  E97 A C25   1 
HETATM 513 C  C26   . E97 D 3 .  ? 5.670   -2.793  2.565   1.00 41.44 ? 25  E97 A C26   1 
HETATM 514 C  C27   . E97 D 3 .  ? 6.484   -3.753  1.952   1.00 46.22 ? 25  E97 A C27   1 
HETATM 515 C  C28   . E97 D 3 .  ? 7.267   -4.649  2.686   1.00 41.40 ? 25  E97 A C28   1 
HETATM 516 C  C29   . E97 D 3 .  ? 7.178   -4.536  4.077   1.00 30.49 ? 25  E97 A C29   1 
HETATM 517 C  C30   . E97 D 3 .  ? 6.387   -3.564  4.694   1.00 19.24 ? 25  E97 A C30   1 
HETATM 518 O  O31   . E97 D 3 .  ? 8.042   -5.556  2.015   1.00 53.04 ? 25  E97 A O31   1 
HETATM 519 C  C32   . E97 D 3 .  ? 8.287   -6.807  2.631   1.00 59.81 ? 25  E97 A C32   1 
HETATM 520 C  C33   . E97 D 3 .  ? 9.214   -7.611  1.691   1.00 61.57 ? 25  E97 A C33   1 
HETATM 521 C  C34   . E97 D 3 .  ? 9.306   -6.931  0.313   1.00 59.11 ? 25  E97 A C34   1 
HETATM 522 N  N35   . E97 D 3 .  ? 10.491  -6.107  0.099   1.00 60.36 ? 25  E97 A N35   1 
HETATM 523 O  O36   . E97 D 3 .  ? -6.125  7.936   0.874   1.00 50.79 ? 25  E97 A O36   1 
HETATM 524 C  C37   . E97 D 3 .  ? -7.169  7.137   0.354   1.00 59.34 ? 25  E97 A C37   1 
HETATM 525 C  C38   . E97 D 3 .  ? -8.037  6.637   1.524   1.00 58.81 ? 25  E97 A C38   1 
HETATM 526 C  C39   . E97 D 3 .  ? -8.942  5.472   1.082   1.00 59.15 ? 25  E97 A C39   1 
HETATM 527 N  N40   . E97 D 3 .  ? -10.096 5.839   0.271   1.00 61.48 ? 25  E97 A N40   1 
HETATM 528 C  C41   . E97 D 3 .  ? -9.919  5.412   -1.115  1.00 65.22 ? 25  E97 A C41   1 
HETATM 529 C  C42   . E97 D 3 .  ? -11.355 5.334   0.815   1.00 28.98 ? 25  E97 A C42   1 
HETATM 530 C  C43   . E97 D 3 .  ? 10.279  -4.737  0.555   1.00 49.48 ? 25  E97 A C43   1 
HETATM 531 C  C44   . E97 D 3 .  ? 10.928  -6.118  -1.292  1.00 60.87 ? 25  E97 A C44   1 
HETATM 532 O  O     . HOH E 4 .  ? 1.592   7.978   -2.611  1.00 19.81 ? 27  HOH A O     1 
HETATM 533 O  O     . HOH E 4 .  ? -13.405 0.006   9.110   1.00 28.07 ? 28  HOH A O     1 
HETATM 534 O  O     . HOH E 4 .  ? -6.638  -4.096  1.319   1.00 33.36 ? 29  HOH A O     1 
HETATM 535 O  O     . HOH E 4 .  ? -5.319  11.910  -2.130  1.00 30.40 ? 30  HOH A O     1 
HETATM 536 O  O     . HOH E 4 .  ? -2.128  12.688  -1.333  1.00 22.27 ? 32  HOH A O     1 
HETATM 537 O  O     . HOH E 4 .  ? 18.401  -10.197 -0.866  1.00 27.43 ? 33  HOH A O     1 
HETATM 538 O  O     . HOH E 4 .  ? 16.753  -0.906  2.022   1.00 33.31 ? 35  HOH A O     1 
HETATM 539 O  O     . HOH E 4 .  ? -8.349  -7.290  -0.744  0.50 30.08 ? 37  HOH A O     1 
HETATM 540 O  O     . HOH E 4 .  ? 0.862   1.550   -5.402  1.00 26.01 ? 38  HOH A O     1 
HETATM 541 O  O     . HOH E 4 .  ? -3.942  4.443   -8.937  0.50 11.12 ? 40  HOH A O     1 
HETATM 542 O  O     . HOH E 4 .  ? -7.152  11.298  -6.819  1.00 24.25 ? 41  HOH A O     1 
HETATM 543 O  O     . HOH E 4 .  ? -0.077  8.067   -5.878  1.00 27.66 ? 42  HOH A O     1 
HETATM 544 O  O     . HOH E 4 .  ? 2.289   7.520   -5.305  1.00 24.68 ? 44  HOH A O     1 
HETATM 545 O  O     . HOH E 4 .  ? 8.651   5.038   -1.386  1.00 29.26 ? 46  HOH A O     1 
HETATM 546 O  O     . HOH E 4 .  ? 20.987  -2.942  0.151   1.00 28.94 ? 47  HOH A O     1 
HETATM 547 O  O     . HOH E 4 .  ? -8.968  -7.873  2.215   1.00 44.58 ? 49  HOH A O     1 
HETATM 548 O  O     . HOH E 4 .  ? 14.093  -1.079  6.724   0.50 17.04 ? 51  HOH A O     1 
HETATM 549 O  O     . HOH E 4 .  ? 12.005  -7.753  4.917   1.00 29.12 ? 52  HOH A O     1 
HETATM 550 O  O     . HOH E 4 .  ? -4.833  -1.838  -4.599  1.00 28.80 ? 53  HOH A O     1 
HETATM 551 O  O     . HOH E 4 .  ? -5.767  14.531  -3.752  1.00 34.02 ? 54  HOH A O     1 
HETATM 552 O  O     . HOH E 4 .  ? -2.159  6.046   -5.595  1.00 33.14 ? 55  HOH A O     1 
HETATM 553 O  O     . HOH E 4 .  ? -2.086  -1.045  -4.612  1.00 29.30 ? 58  HOH A O     1 
HETATM 554 O  O     . HOH E 4 .  ? -6.355  -8.676  -0.890  1.00 39.79 ? 59  HOH A O     1 
HETATM 555 O  O     . HOH E 4 .  ? 5.465   8.243   0.453   1.00 35.89 ? 60  HOH A O     1 
HETATM 556 O  O     . HOH E 4 .  ? -0.552  5.703   -10.481 1.00 33.05 ? 61  HOH A O     1 
HETATM 557 O  O     . HOH E 4 .  ? 20.384  -11.996 4.169   1.00 39.40 ? 62  HOH A O     1 
HETATM 558 O  O     . HOH E 4 .  ? -11.498 -11.521 -2.269  1.00 26.50 ? 65  HOH A O     1 
HETATM 559 O  O     . HOH E 4 .  ? -20.099 -3.512  11.878  1.00 26.82 ? 66  HOH A O     1 
HETATM 560 O  O     . HOH E 4 .  ? 14.767  -0.311  4.509   1.00 43.66 ? 67  HOH A O     1 
HETATM 561 O  O     . HOH E 4 .  ? 3.297   5.525   -5.840  1.00 27.34 ? 68  HOH A O     1 
HETATM 562 O  O     . HOH E 4 .  ? 7.458   6.007   0.542   1.00 24.89 ? 70  HOH A O     1 
HETATM 563 O  O     . HOH E 4 .  ? -6.152  13.348  -6.194  1.00 25.67 ? 73  HOH A O     1 
HETATM 564 O  O     . HOH E 4 .  ? -13.391 -12.051 0.519   1.00 36.64 ? 75  HOH A O     1 
HETATM 565 O  O     . HOH E 4 .  ? 9.699   -0.128  9.396   0.50 33.44 ? 77  HOH A O     1 
HETATM 566 O  O     . HOH E 4 .  ? -18.068 -5.203  11.048  0.50 16.09 ? 79  HOH A O     1 
HETATM 567 O  O     . HOH E 4 .  ? 5.016   2.667   -4.802  0.50 37.82 ? 80  HOH A O     1 
HETATM 568 O  O     . HOH E 4 .  ? -18.105 -4.915  8.240   1.00 31.71 ? 81  HOH A O     1 
HETATM 569 O  O     . HOH E 4 .  ? 0.470   11.752  2.253   1.00 37.64 ? 84  HOH A O     1 
HETATM 570 O  O     . HOH E 4 .  ? -6.621  -9.988  1.016   0.50 30.03 ? 88  HOH A O     1 
HETATM 571 O  O     . HOH E 4 .  ? 18.912  -4.955  0.550   1.00 42.20 ? 91  HOH A O     1 
HETATM 572 O  O     . HOH E 4 .  ? -8.622  9.755   -3.718  0.50 33.17 ? 94  HOH A O     1 
HETATM 573 O  O     . HOH E 4 .  ? -6.117  10.480  -8.701  1.00 35.08 ? 98  HOH A O     1 
HETATM 574 O  O     . HOH E 4 .  ? 6.054   8.925   8.112   1.00 43.85 ? 99  HOH A O     1 
HETATM 575 O  O     . HOH E 4 .  ? 12.542  -12.588 -4.541  1.00 35.83 ? 100 HOH A O     1 
HETATM 576 O  O     . HOH E 4 .  ? 1.860   8.992   6.475   1.00 38.84 ? 101 HOH A O     1 
HETATM 577 O  O     . HOH E 4 .  ? -13.852 -13.219 5.348   1.00 46.87 ? 103 HOH A O     1 
HETATM 578 O  O     . HOH E 4 .  ? 11.097  2.800   4.549   1.00 37.27 ? 105 HOH A O     1 
HETATM 579 O  O     . HOH E 4 .  ? -15.614 -10.791 -2.198  1.00 44.56 ? 106 HOH A O     1 
HETATM 580 O  O     . HOH E 4 .  ? 10.954  -11.486 1.469   1.00 40.08 ? 107 HOH A O     1 
HETATM 581 O  O     . HOH E 4 .  ? 11.745  3.003   2.069   1.00 42.00 ? 108 HOH A O     1 
HETATM 582 O  O     . HOH E 4 .  ? 4.427   11.230  5.547   1.00 41.47 ? 135 HOH A O     1 
HETATM 583 O  O     . HOH E 4 .  ? -8.642  -12.624 -3.448  0.50 33.76 ? 138 HOH A O     1 
HETATM 584 O  O     . HOH E 4 .  ? -0.916  11.776  -6.825  1.00 17.03 ? 139 HOH A O     1 
HETATM 585 O  O     . HOH E 4 .  ? -2.992  9.811   -6.790  1.00 20.26 ? 140 HOH A O     1 
HETATM 586 O  O     . HOH E 4 .  ? -3.962  10.920  -4.329  1.00 31.19 ? 141 HOH A O     1 
HETATM 587 O  O     . HOH E 4 .  ? -1.846  12.835  -4.389  1.00 21.52 ? 142 HOH A O     1 
HETATM 588 O  O     . HOH E 4 .  ? -1.254  10.021  -4.591  1.00 18.25 ? 143 HOH A O     1 
HETATM 589 O  O     . HOH E 4 .  ? -3.638  12.585  -6.611  1.00 23.62 ? 144 HOH A O     1 
HETATM 590 O  O     . HOH F 4 .  ? 13.605  4.269   -3.011  1.00 36.29 ? 31  HOH B O     1 
HETATM 591 O  O     . HOH F 4 .  ? -1.199  -6.213  4.836   1.00 24.46 ? 34  HOH B O     1 
HETATM 592 O  O     . HOH F 4 .  ? 0.567   -4.957  -3.259  1.00 36.11 ? 36  HOH B O     1 
HETATM 593 O  O     . HOH F 4 .  ? -9.496  0.875   8.366   1.00 24.29 ? 39  HOH B O     1 
HETATM 594 O  O     . HOH F 4 .  ? -9.864  10.128  7.368   1.00 28.89 ? 43  HOH B O     1 
HETATM 595 O  O     . HOH F 4 .  ? 0.788   -7.923  0.445   1.00 27.56 ? 45  HOH B O     1 
HETATM 596 O  O     . HOH F 4 .  ? 2.307   -6.086  9.429   1.00 38.03 ? 48  HOH B O     1 
HETATM 597 O  O     . HOH F 4 .  ? 2.485   -2.768  -6.282  1.00 24.83 ? 50  HOH B O     1 
HETATM 598 O  O     . HOH F 4 .  ? -13.861 10.748  0.208   1.00 34.34 ? 56  HOH B O     1 
HETATM 599 O  O     . HOH F 4 .  ? -14.007 3.253   8.493   1.00 24.48 ? 57  HOH B O     1 
HETATM 600 O  O     . HOH F 4 .  ? 1.467   3.524   10.242  1.00 37.71 ? 63  HOH B O     1 
HETATM 601 O  O     . HOH F 4 .  ? -4.810  -6.774  6.069   1.00 31.94 ? 69  HOH B O     1 
HETATM 602 O  O     . HOH F 4 .  ? -4.669  -6.904  2.864   1.00 30.35 ? 72  HOH B O     1 
HETATM 603 O  O     . HOH F 4 .  ? -11.465 10.041  2.270   0.50 37.96 ? 74  HOH B O     1 
HETATM 604 O  O     . HOH F 4 .  ? 15.735  7.549   -4.282  1.00 37.63 ? 76  HOH B O     1 
HETATM 605 O  O     . HOH F 4 .  ? 6.724   -7.690  -12.293 1.00 38.04 ? 78  HOH B O     1 
HETATM 606 O  O     . HOH F 4 .  ? -18.660 5.266   4.519   0.50 26.84 ? 82  HOH B O     1 
HETATM 607 O  O     . HOH F 4 .  ? 4.264   -0.310  -8.248  0.50 31.48 ? 83  HOH B O     1 
HETATM 608 O  O     . HOH F 4 .  ? 6.213   0.869   -7.945  1.00 44.07 ? 85  HOH B O     1 
HETATM 609 O  O     . HOH F 4 .  ? -10.397 11.774  4.892   0.50 31.48 ? 86  HOH B O     1 
HETATM 610 O  O     . HOH F 4 .  ? -18.204 2.766   7.504   0.50 17.89 ? 87  HOH B O     1 
HETATM 611 O  O     . HOH F 4 .  ? -21.946 10.461  1.622   0.50 29.19 ? 89  HOH B O     1 
HETATM 612 O  O     . HOH F 4 .  ? 11.810  4.956   -8.205  1.00 45.92 ? 90  HOH B O     1 
HETATM 613 O  O     . HOH F 4 .  ? 9.694   4.707   -5.127  1.00 39.54 ? 92  HOH B O     1 
HETATM 614 O  O     . HOH F 4 .  ? 14.553  2.777   -1.307  1.00 43.24 ? 93  HOH B O     1 
HETATM 615 O  O     . HOH F 4 .  ? 8.389   2.257   -9.812  1.00 39.77 ? 95  HOH B O     1 
HETATM 616 O  O     . HOH F 4 .  ? -3.283  -13.385 -0.816  1.00 37.82 ? 104 HOH B O     1 
# 
